data_4O12
#
_entry.id   4O12
#
_cell.length_a   60.570
_cell.length_b   106.505
_cell.length_c   83.174
_cell.angle_alpha   90.00
_cell.angle_beta   96.64
_cell.angle_gamma   90.00
#
_symmetry.space_group_name_H-M   'P 1 21 1'
#
loop_
_entity.id
_entity.type
_entity.pdbx_description
1 polymer 'Nicotinamide phosphoribosyltransferase'
2 non-polymer 2-[6-(4-chlorophenoxy)hexyl]-1-cyano-3-pyridin-4-ylguanidine
3 non-polymer 'PHOSPHATE ION'
4 water water
#
_entity_poly.entity_id   1
_entity_poly.type   'polypeptide(L)'
_entity_poly.pdbx_seq_one_letter_code
;MNPAAEAEFNILLATDSYKVTHYKQYPPNTSKVYSYFECREKKTENSKLRKVKYEETVFYGLQYILNKYLKGKVVTKEKI
QEAKDVYKEHFQDDVFNEKGWNYILEKYDGHLPIEIKAVPEGFVIPRGNVLFTVENTDPECYWLTNWIETILVQSWYPIT
VATNSREQKKILAKYLLETSGNLDGLEYKLHDFGYRGVSSQETAGIGASAHLVNFKGTDTVAGLALIKKYYGTKDPVPGY
SVPAAEHSTITAWGKDHEKDAFEHIVTQFSSVPVSVVSDSYDIYNACEKIWGEDLRHLIVSRSTQAPLIIRPDSGNPLDT
VLKVLEILGKKFPVTENSKGYKLLPPYLRVIQGDGVDINTLQEIVEGMKQKMWSIENIAFGSGGGLLQKLTRDLLNCSFK
CSYVVTNGLGINVFKDPVADPNKRSKKGRLSLHRTPAGNFVTLEEGKGDLEEYGQDLLHTVFKNGKVTKSYSFDEIRKNA
QLNIELEAAHHLEHHHHHHHH
;
_entity_poly.pdbx_strand_id   A,B
#
# COMPACT_ATOMS: atom_id res chain seq x y z
N GLU A 8 2.99 9.53 -19.59
CA GLU A 8 2.46 10.65 -18.85
C GLU A 8 1.13 10.29 -18.18
N PHE A 9 0.90 10.85 -17.00
CA PHE A 9 -0.33 10.62 -16.25
C PHE A 9 -1.55 11.14 -17.03
N ASN A 10 -2.64 10.41 -16.94
CA ASN A 10 -3.90 10.82 -17.59
C ASN A 10 -5.06 10.73 -16.61
N ILE A 11 -5.65 11.87 -16.30
CA ILE A 11 -6.73 11.93 -15.32
C ILE A 11 -7.99 11.24 -15.83
N LEU A 12 -8.14 11.16 -17.15
CA LEU A 12 -9.29 10.49 -17.75
C LEU A 12 -9.20 8.98 -17.52
N LEU A 13 -8.01 8.51 -17.16
CA LEU A 13 -7.78 7.09 -16.89
C LEU A 13 -7.52 6.84 -15.42
N ALA A 14 -7.71 7.86 -14.59
CA ALA A 14 -7.44 7.74 -13.16
C ALA A 14 -8.73 7.73 -12.34
N THR A 15 -9.63 6.81 -12.65
CA THR A 15 -10.88 6.68 -11.94
C THR A 15 -11.35 5.22 -11.97
N ASP A 16 -12.33 4.89 -11.13
CA ASP A 16 -12.94 3.56 -11.20
C ASP A 16 -13.67 3.45 -12.53
N SER A 17 -13.63 2.27 -13.12
CA SER A 17 -14.17 2.06 -14.46
C SER A 17 -15.64 2.46 -14.60
N TYR A 18 -16.47 2.02 -13.66
CA TYR A 18 -17.91 2.26 -13.76
C TYR A 18 -18.27 3.74 -13.74
N LYS A 19 -17.37 4.57 -13.21
CA LYS A 19 -17.59 6.01 -13.13
C LYS A 19 -17.57 6.66 -14.52
N VAL A 20 -17.08 5.91 -15.51
CA VAL A 20 -17.11 6.35 -16.89
C VAL A 20 -18.55 6.39 -17.40
N THR A 21 -19.40 5.55 -16.81
CA THR A 21 -20.77 5.41 -17.26
C THR A 21 -21.76 6.20 -16.41
N HIS A 22 -21.25 6.92 -15.42
CA HIS A 22 -22.11 7.56 -14.43
C HIS A 22 -22.85 8.81 -14.93
N TYR A 23 -22.30 9.45 -15.96
CA TYR A 23 -22.92 10.64 -16.53
C TYR A 23 -24.28 10.33 -17.17
N LYS A 24 -24.54 9.05 -17.40
CA LYS A 24 -25.80 8.62 -17.99
C LYS A 24 -26.80 8.20 -16.93
N GLN A 25 -26.36 8.21 -15.67
CA GLN A 25 -27.15 7.61 -14.59
C GLN A 25 -27.73 8.63 -13.61
N TYR A 26 -27.15 9.81 -13.57
CA TYR A 26 -27.66 10.88 -12.72
C TYR A 26 -29.01 11.35 -13.23
N PRO A 27 -29.83 11.95 -12.36
CA PRO A 27 -31.10 12.51 -12.81
C PRO A 27 -30.86 13.56 -13.89
N PRO A 28 -31.65 13.53 -14.98
CA PRO A 28 -31.56 14.57 -16.00
C PRO A 28 -31.83 15.94 -15.39
N ASN A 29 -31.32 16.99 -16.04
CA ASN A 29 -31.45 18.36 -15.54
C ASN A 29 -30.75 18.55 -14.19
N THR A 30 -29.63 17.85 -14.02
CA THR A 30 -28.82 17.98 -12.82
C THR A 30 -27.65 18.91 -13.09
N SER A 31 -27.59 20.02 -12.35
CA SER A 31 -26.60 21.06 -12.61
C SER A 31 -25.47 21.10 -11.60
N LYS A 32 -25.64 20.37 -10.50
CA LYS A 32 -24.67 20.41 -9.41
C LYS A 32 -24.57 19.08 -8.66
N VAL A 33 -23.36 18.57 -8.52
CA VAL A 33 -23.11 17.44 -7.64
C VAL A 33 -22.15 17.87 -6.54
N TYR A 34 -22.61 17.73 -5.30
CA TYR A 34 -21.85 18.17 -4.13
C TYR A 34 -21.52 16.95 -3.26
N SER A 35 -20.24 16.71 -3.05
CA SER A 35 -19.81 15.55 -2.27
C SER A 35 -18.83 15.97 -1.18
N TYR A 36 -18.84 15.23 -0.08
CA TYR A 36 -17.96 15.50 1.04
C TYR A 36 -17.09 14.29 1.35
N PHE A 37 -16.11 14.47 2.23
CA PHE A 37 -15.24 13.39 2.65
C PHE A 37 -15.17 13.36 4.16
N GLU A 38 -15.27 12.17 4.75
CA GLU A 38 -15.23 12.05 6.20
C GLU A 38 -14.51 10.80 6.67
N CYS A 39 -13.97 10.87 7.88
CA CYS A 39 -13.52 9.66 8.56
C CYS A 39 -14.68 9.20 9.40
N ARG A 40 -15.51 8.34 8.80
CA ARG A 40 -16.81 7.98 9.36
C ARG A 40 -16.73 7.40 10.77
N GLU A 41 -17.68 7.78 11.61
CA GLU A 41 -17.73 7.31 12.99
C GLU A 41 -18.15 5.84 13.01
N LYS A 42 -17.51 5.07 13.88
CA LYS A 42 -17.80 3.64 14.00
C LYS A 42 -18.62 3.35 15.25
N LYS A 43 -19.90 3.70 15.21
CA LYS A 43 -20.79 3.50 16.34
C LYS A 43 -21.09 2.01 16.55
N LYS A 53 -9.65 2.06 17.88
CA LYS A 53 -9.40 2.97 18.98
C LYS A 53 -8.79 4.29 18.51
N TYR A 54 -9.33 4.82 17.41
CA TYR A 54 -8.87 6.09 16.86
C TYR A 54 -10.02 7.08 16.81
N GLU A 55 -10.07 8.00 17.75
CA GLU A 55 -11.21 8.91 17.84
C GLU A 55 -10.96 10.27 17.18
N GLU A 56 -9.72 10.52 16.77
CA GLU A 56 -9.38 11.76 16.07
C GLU A 56 -8.35 11.47 15.00
N THR A 57 -8.43 12.21 13.89
CA THR A 57 -7.56 11.94 12.75
C THR A 57 -6.81 13.20 12.32
N VAL A 58 -5.59 13.00 11.81
CA VAL A 58 -4.80 14.11 11.27
C VAL A 58 -5.09 14.29 9.79
N PHE A 59 -5.63 15.44 9.41
CA PHE A 59 -5.89 15.71 8.01
C PHE A 59 -4.60 16.11 7.30
N TYR A 60 -4.07 15.19 6.50
CA TYR A 60 -2.86 15.45 5.74
C TYR A 60 -2.86 14.65 4.45
N GLY A 61 -2.31 15.23 3.39
CA GLY A 61 -2.13 14.50 2.15
C GLY A 61 -2.75 15.15 0.93
N LEU A 62 -3.79 15.95 1.14
CA LEU A 62 -4.56 16.49 0.02
C LEU A 62 -3.74 17.38 -0.91
N GLN A 63 -2.93 18.27 -0.33
CA GLN A 63 -2.16 19.24 -1.10
C GLN A 63 -1.25 18.58 -2.14
N TYR A 64 -0.69 17.43 -1.79
CA TYR A 64 0.14 16.66 -2.70
C TYR A 64 -0.63 16.26 -3.95
N ILE A 65 -1.83 15.72 -3.72
CA ILE A 65 -2.70 15.25 -4.80
C ILE A 65 -3.15 16.41 -5.70
N LEU A 66 -3.47 17.55 -5.08
CA LEU A 66 -3.92 18.72 -5.82
C LEU A 66 -2.88 19.22 -6.82
N ASN A 67 -1.63 19.31 -6.37
CA ASN A 67 -0.54 19.79 -7.22
C ASN A 67 -0.11 18.78 -8.26
N LYS A 68 0.02 17.52 -7.85
CA LYS A 68 0.59 16.50 -8.72
C LYS A 68 -0.39 15.95 -9.74
N TYR A 69 -1.67 15.94 -9.41
CA TYR A 69 -2.66 15.24 -10.24
C TYR A 69 -3.79 16.11 -10.80
N LEU A 70 -4.23 17.12 -10.05
CA LEU A 70 -5.45 17.83 -10.40
C LEU A 70 -5.28 19.22 -11.02
N LYS A 71 -4.20 19.92 -10.67
CA LYS A 71 -4.06 21.32 -11.07
C LYS A 71 -3.58 21.50 -12.52
N GLY A 72 -3.80 22.71 -13.05
CA GLY A 72 -3.30 23.07 -14.36
C GLY A 72 -4.13 22.53 -15.51
N LYS A 73 -3.43 22.18 -16.60
CA LYS A 73 -4.08 21.67 -17.80
C LYS A 73 -4.00 20.15 -17.80
N VAL A 74 -5.07 19.50 -17.34
CA VAL A 74 -5.07 18.06 -17.17
C VAL A 74 -5.80 17.34 -18.29
N VAL A 75 -6.27 18.11 -19.29
CA VAL A 75 -6.98 17.55 -20.42
C VAL A 75 -6.38 18.02 -21.74
N THR A 76 -6.09 17.06 -22.62
CA THR A 76 -5.70 17.36 -23.99
C THR A 76 -6.48 16.45 -24.95
N LYS A 77 -6.54 16.85 -26.22
CA LYS A 77 -7.27 16.05 -27.20
C LYS A 77 -6.61 14.69 -27.39
N GLU A 78 -5.32 14.62 -27.11
CA GLU A 78 -4.61 13.34 -27.13
C GLU A 78 -5.09 12.47 -25.98
N LYS A 79 -5.16 13.06 -24.79
CA LYS A 79 -5.59 12.33 -23.60
C LYS A 79 -7.05 11.89 -23.72
N ILE A 80 -7.85 12.67 -24.43
CA ILE A 80 -9.23 12.28 -24.71
C ILE A 80 -9.26 11.12 -25.69
N GLN A 81 -8.44 11.19 -26.73
CA GLN A 81 -8.36 10.12 -27.72
C GLN A 81 -7.86 8.82 -27.08
N GLU A 82 -6.82 8.94 -26.27
N GLU A 82 -6.82 8.92 -26.26
CA GLU A 82 -6.23 7.80 -25.56
CA GLU A 82 -6.26 7.73 -25.61
C GLU A 82 -7.27 7.11 -24.68
C GLU A 82 -7.27 7.09 -24.66
N ALA A 83 -8.01 7.91 -23.92
CA ALA A 83 -9.04 7.41 -23.02
C ALA A 83 -10.16 6.76 -23.83
N LYS A 84 -10.48 7.36 -24.97
CA LYS A 84 -11.51 6.83 -25.85
C LYS A 84 -11.14 5.44 -26.37
N ASP A 85 -9.88 5.29 -26.78
CA ASP A 85 -9.40 4.04 -27.35
C ASP A 85 -9.37 2.91 -26.32
N VAL A 86 -8.88 3.22 -25.12
CA VAL A 86 -8.81 2.24 -24.05
C VAL A 86 -10.20 1.77 -23.61
N TYR A 87 -11.08 2.72 -23.35
CA TYR A 87 -12.42 2.43 -22.85
C TYR A 87 -13.28 1.65 -23.85
N LYS A 88 -13.03 1.86 -25.13
CA LYS A 88 -13.70 1.11 -26.18
C LYS A 88 -13.45 -0.39 -26.02
N GLU A 89 -12.22 -0.73 -25.68
CA GLU A 89 -11.83 -2.13 -25.52
C GLU A 89 -12.17 -2.65 -24.12
N HIS A 90 -12.01 -1.79 -23.12
CA HIS A 90 -12.27 -2.17 -21.73
C HIS A 90 -13.75 -2.52 -21.54
N PHE A 91 -14.63 -1.74 -22.16
CA PHE A 91 -16.06 -1.93 -22.02
C PHE A 91 -16.66 -2.75 -23.15
N GLN A 92 -15.89 -2.94 -24.23
CA GLN A 92 -16.40 -3.53 -25.46
C GLN A 92 -17.57 -2.69 -25.97
N ASP A 93 -17.51 -1.38 -25.73
CA ASP A 93 -18.62 -0.48 -26.02
C ASP A 93 -18.14 0.97 -26.02
N ASP A 94 -18.94 1.86 -26.62
CA ASP A 94 -18.54 3.25 -26.83
C ASP A 94 -18.87 4.18 -25.69
N VAL A 95 -19.37 3.65 -24.58
CA VAL A 95 -19.78 4.49 -23.45
C VAL A 95 -18.62 5.28 -22.85
N PHE A 96 -18.52 6.55 -23.26
CA PHE A 96 -17.48 7.46 -22.77
C PHE A 96 -17.85 8.90 -23.12
N ASN A 97 -17.98 9.74 -22.09
CA ASN A 97 -18.41 11.11 -22.27
C ASN A 97 -17.36 11.97 -22.95
N GLU A 98 -17.15 11.74 -24.24
CA GLU A 98 -16.17 12.50 -25.01
C GLU A 98 -16.59 13.96 -25.12
N LYS A 99 -17.89 14.20 -25.25
CA LYS A 99 -18.43 15.55 -25.32
C LYS A 99 -18.11 16.32 -24.04
N GLY A 100 -18.30 15.65 -22.90
CA GLY A 100 -18.07 16.27 -21.61
C GLY A 100 -16.63 16.70 -21.41
N TRP A 101 -15.71 15.79 -21.73
CA TRP A 101 -14.29 16.09 -21.59
C TRP A 101 -13.81 17.10 -22.64
N ASN A 102 -14.47 17.13 -23.78
CA ASN A 102 -14.18 18.12 -24.81
C ASN A 102 -14.56 19.53 -24.36
N TYR A 103 -15.68 19.64 -23.64
CA TYR A 103 -16.16 20.92 -23.14
C TYR A 103 -15.14 21.57 -22.21
N ILE A 104 -14.60 20.76 -21.30
CA ILE A 104 -13.59 21.23 -20.35
C ILE A 104 -12.33 21.72 -21.07
N LEU A 105 -11.92 21.00 -22.12
CA LEU A 105 -10.76 21.37 -22.89
C LEU A 105 -10.93 22.71 -23.60
N GLU A 106 -12.12 22.96 -24.12
CA GLU A 106 -12.37 24.14 -24.93
C GLU A 106 -12.78 25.36 -24.10
N LYS A 107 -13.58 25.13 -23.07
CA LYS A 107 -14.09 26.22 -22.25
C LYS A 107 -13.06 26.69 -21.23
N TYR A 108 -12.28 25.76 -20.69
CA TYR A 108 -11.37 26.08 -19.59
C TYR A 108 -9.92 25.66 -19.84
N ASP A 109 -9.58 25.43 -21.11
CA ASP A 109 -8.22 25.04 -21.48
C ASP A 109 -7.72 23.84 -20.68
N GLY A 110 -8.59 22.85 -20.49
CA GLY A 110 -8.21 21.63 -19.81
C GLY A 110 -8.15 21.73 -18.30
N HIS A 111 -8.58 22.86 -17.76
CA HIS A 111 -8.63 23.04 -16.31
C HIS A 111 -9.94 22.52 -15.74
N LEU A 112 -9.89 21.88 -14.58
CA LEU A 112 -11.06 21.27 -13.98
C LEU A 112 -11.97 22.30 -13.30
N PRO A 113 -13.21 22.44 -13.80
CA PRO A 113 -14.21 23.29 -13.17
C PRO A 113 -14.73 22.67 -11.89
N ILE A 114 -13.90 22.69 -10.85
CA ILE A 114 -14.21 22.08 -9.57
C ILE A 114 -13.77 22.99 -8.43
N GLU A 115 -14.55 23.05 -7.36
CA GLU A 115 -14.11 23.74 -6.16
C GLU A 115 -13.99 22.76 -5.01
N ILE A 116 -12.83 22.76 -4.36
CA ILE A 116 -12.61 21.92 -3.19
C ILE A 116 -12.30 22.77 -1.96
N LYS A 117 -13.14 22.64 -0.93
CA LYS A 117 -12.92 23.31 0.33
C LYS A 117 -12.40 22.28 1.32
N ALA A 118 -11.43 22.67 2.15
CA ALA A 118 -10.82 21.72 3.07
C ALA A 118 -10.41 22.34 4.41
N VAL A 119 -10.46 21.54 5.47
CA VAL A 119 -9.90 21.92 6.74
C VAL A 119 -8.38 22.02 6.54
N PRO A 120 -7.73 22.99 7.20
CA PRO A 120 -6.27 23.14 7.08
C PRO A 120 -5.52 21.85 7.40
N GLU A 121 -4.43 21.60 6.69
CA GLU A 121 -3.67 20.36 6.89
C GLU A 121 -2.95 20.38 8.24
N GLY A 122 -2.89 19.21 8.88
CA GLY A 122 -2.29 19.08 10.19
C GLY A 122 -3.36 19.05 11.26
N PHE A 123 -4.52 19.63 10.95
CA PHE A 123 -5.63 19.72 11.90
C PHE A 123 -6.06 18.37 12.45
N VAL A 124 -6.22 18.32 13.77
CA VAL A 124 -6.63 17.08 14.44
C VAL A 124 -8.12 17.12 14.74
N ILE A 125 -8.90 16.43 13.91
CA ILE A 125 -10.36 16.50 13.96
C ILE A 125 -10.95 15.18 14.43
N PRO A 126 -11.94 15.24 15.35
CA PRO A 126 -12.67 14.05 15.77
C PRO A 126 -13.39 13.42 14.59
N ARG A 127 -13.71 12.13 14.69
CA ARG A 127 -14.36 11.44 13.59
C ARG A 127 -15.85 11.75 13.49
N GLY A 128 -16.40 11.50 12.30
CA GLY A 128 -17.78 11.85 12.02
C GLY A 128 -17.87 13.26 11.47
N ASN A 129 -16.72 13.85 11.15
CA ASN A 129 -16.67 15.23 10.69
C ASN A 129 -16.23 15.38 9.24
N VAL A 130 -16.81 16.37 8.57
CA VAL A 130 -16.43 16.68 7.20
C VAL A 130 -15.02 17.27 7.16
N LEU A 131 -14.18 16.70 6.31
CA LEU A 131 -12.80 17.13 6.21
C LEU A 131 -12.57 17.95 4.94
N PHE A 132 -13.23 17.54 3.86
CA PHE A 132 -13.29 18.36 2.66
C PHE A 132 -14.56 18.10 1.85
N THR A 133 -14.90 19.05 0.99
CA THR A 133 -16.08 18.94 0.15
C THR A 133 -15.71 19.19 -1.31
N VAL A 134 -16.45 18.56 -2.21
CA VAL A 134 -16.17 18.68 -3.64
C VAL A 134 -17.44 19.02 -4.43
N GLU A 135 -17.36 20.05 -5.27
CA GLU A 135 -18.48 20.44 -6.12
C GLU A 135 -17.99 20.99 -7.44
N ASN A 136 -18.80 20.84 -8.48
CA ASN A 136 -18.49 21.42 -9.78
C ASN A 136 -18.93 22.87 -9.83
N THR A 137 -18.21 23.68 -10.60
CA THR A 137 -18.49 25.10 -10.71
C THR A 137 -19.23 25.43 -11.99
N ASP A 138 -19.37 24.42 -12.85
CA ASP A 138 -20.08 24.56 -14.12
C ASP A 138 -21.17 23.49 -14.18
N PRO A 139 -22.41 23.90 -14.48
CA PRO A 139 -23.56 23.00 -14.58
C PRO A 139 -23.34 21.84 -15.56
N GLU A 140 -22.57 22.09 -16.62
CA GLU A 140 -22.28 21.05 -17.61
C GLU A 140 -21.46 19.91 -17.04
N CYS A 141 -20.63 20.21 -16.05
CA CYS A 141 -19.68 19.23 -15.52
C CYS A 141 -20.13 18.66 -14.19
N TYR A 142 -21.43 18.38 -14.07
CA TYR A 142 -22.00 17.78 -12.87
C TYR A 142 -21.38 16.42 -12.57
N TRP A 143 -21.04 15.70 -13.64
CA TRP A 143 -20.46 14.37 -13.54
C TRP A 143 -19.04 14.39 -13.01
N LEU A 144 -18.37 15.54 -13.17
CA LEU A 144 -16.95 15.67 -12.84
C LEU A 144 -16.65 15.50 -11.35
N THR A 145 -17.59 15.91 -10.51
CA THR A 145 -17.44 15.84 -9.05
C THR A 145 -17.03 14.45 -8.57
N ASN A 146 -17.80 13.44 -8.97
CA ASN A 146 -17.55 12.07 -8.54
C ASN A 146 -16.60 11.28 -9.44
N TRP A 147 -16.19 11.88 -10.55
CA TRP A 147 -15.19 11.26 -11.41
C TRP A 147 -13.89 11.15 -10.62
N ILE A 148 -13.57 12.22 -9.91
CA ILE A 148 -12.31 12.30 -9.18
C ILE A 148 -12.45 11.82 -7.74
N GLU A 149 -13.47 11.01 -7.47
CA GLU A 149 -13.62 10.43 -6.14
C GLU A 149 -12.46 9.50 -5.82
N THR A 150 -12.18 8.57 -6.73
CA THR A 150 -11.17 7.55 -6.53
C THR A 150 -9.82 8.16 -6.17
N ILE A 151 -9.45 9.22 -6.87
CA ILE A 151 -8.15 9.85 -6.68
C ILE A 151 -8.09 10.62 -5.35
N LEU A 152 -9.23 11.18 -4.94
CA LEU A 152 -9.28 11.97 -3.71
C LEU A 152 -9.36 11.10 -2.48
N VAL A 153 -10.07 9.97 -2.59
CA VAL A 153 -10.20 9.02 -1.50
C VAL A 153 -8.84 8.46 -1.08
N GLN A 154 -7.91 8.38 -2.04
CA GLN A 154 -6.55 7.90 -1.76
C GLN A 154 -5.81 8.77 -0.74
N SER A 155 -6.44 9.83 -0.26
CA SER A 155 -5.91 10.63 0.83
C SER A 155 -6.12 9.90 2.15
N TRP A 156 -6.89 8.81 2.09
CA TRP A 156 -7.11 7.96 3.25
C TRP A 156 -5.78 7.47 3.80
N TYR A 157 -4.81 7.30 2.90
CA TYR A 157 -3.52 6.72 3.27
C TYR A 157 -2.64 7.67 4.10
N PRO A 158 -2.34 8.88 3.57
CA PRO A 158 -1.53 9.79 4.40
C PRO A 158 -2.21 10.12 5.73
N ILE A 159 -3.52 10.31 5.68
CA ILE A 159 -4.31 10.56 6.88
C ILE A 159 -4.16 9.42 7.89
N THR A 160 -4.29 8.18 7.42
CA THR A 160 -4.21 7.02 8.29
C THR A 160 -2.79 6.84 8.85
N VAL A 161 -1.78 7.08 8.03
CA VAL A 161 -0.39 6.97 8.47
C VAL A 161 -0.08 8.05 9.51
N ALA A 162 -0.46 9.28 9.21
CA ALA A 162 -0.24 10.41 10.10
C ALA A 162 -0.94 10.20 11.44
N THR A 163 -2.18 9.72 11.38
CA THR A 163 -2.96 9.47 12.58
C THR A 163 -2.35 8.35 13.44
N ASN A 164 -2.11 7.21 12.81
CA ASN A 164 -1.55 6.06 13.50
C ASN A 164 -0.16 6.32 14.07
N SER A 165 0.64 7.10 13.34
CA SER A 165 1.95 7.50 13.82
C SER A 165 1.82 8.42 15.04
N ARG A 166 0.84 9.32 15.00
CA ARG A 166 0.60 10.26 16.08
C ARG A 166 0.12 9.56 17.36
N GLU A 167 -0.72 8.55 17.19
CA GLU A 167 -1.24 7.81 18.34
C GLU A 167 -0.12 7.05 19.03
N GLN A 168 0.81 6.54 18.24
CA GLN A 168 1.98 5.86 18.79
C GLN A 168 2.87 6.85 19.53
N LYS A 169 2.85 8.10 19.07
CA LYS A 169 3.62 9.16 19.71
C LYS A 169 3.00 9.49 21.06
N LYS A 170 1.67 9.43 21.14
CA LYS A 170 0.96 9.65 22.40
C LYS A 170 1.39 8.64 23.46
N ILE A 171 1.47 7.38 23.05
CA ILE A 171 1.88 6.29 23.94
C ILE A 171 3.32 6.49 24.39
N LEU A 172 4.19 6.77 23.44
CA LEU A 172 5.58 7.06 23.72
C LEU A 172 5.72 8.24 24.66
N ALA A 173 4.97 9.31 24.36
CA ALA A 173 4.98 10.52 25.16
C ALA A 173 4.61 10.24 26.62
N LYS A 174 3.52 9.53 26.80
CA LYS A 174 3.01 9.20 28.13
C LYS A 174 4.05 8.45 28.97
N TYR A 175 4.63 7.39 28.40
CA TYR A 175 5.57 6.55 29.13
C TYR A 175 6.96 7.17 29.30
N LEU A 176 7.36 8.00 28.35
CA LEU A 176 8.63 8.70 28.47
C LEU A 176 8.56 9.71 29.60
N LEU A 177 7.48 10.49 29.61
CA LEU A 177 7.25 11.50 30.65
C LEU A 177 7.19 10.88 32.04
N GLU A 178 6.48 9.77 32.15
CA GLU A 178 6.28 9.13 33.45
C GLU A 178 7.56 8.57 34.04
N THR A 179 8.47 8.11 33.17
CA THR A 179 9.67 7.44 33.65
C THR A 179 10.94 8.29 33.59
N SER A 180 10.91 9.39 32.83
CA SER A 180 12.07 10.26 32.71
C SER A 180 11.82 11.64 33.31
N GLY A 181 10.58 12.10 33.22
CA GLY A 181 10.21 13.41 33.76
C GLY A 181 10.10 14.47 32.69
N ASN A 182 10.28 14.07 31.43
CA ASN A 182 10.18 15.00 30.32
C ASN A 182 9.92 14.30 28.99
N LEU A 183 10.03 15.06 27.89
CA LEU A 183 9.76 14.53 26.57
C LEU A 183 10.95 14.70 25.63
N ASP A 184 12.14 14.81 26.22
CA ASP A 184 13.37 15.00 25.45
C ASP A 184 13.58 13.86 24.44
N GLY A 185 13.77 14.23 23.18
CA GLY A 185 14.08 13.28 22.13
C GLY A 185 12.90 12.39 21.76
N LEU A 186 11.70 12.82 22.12
CA LEU A 186 10.49 12.07 21.80
C LEU A 186 10.33 11.89 20.29
N GLU A 187 10.56 12.96 19.54
CA GLU A 187 10.40 12.93 18.08
C GLU A 187 11.41 12.07 17.33
N TYR A 188 12.23 11.31 18.05
CA TYR A 188 13.21 10.43 17.44
C TYR A 188 13.08 8.99 17.95
N LYS A 189 11.96 8.68 18.60
CA LYS A 189 11.80 7.36 19.21
C LYS A 189 10.99 6.37 18.37
N LEU A 190 10.54 6.82 17.20
CA LEU A 190 9.88 5.92 16.25
C LEU A 190 10.47 6.13 14.87
N HIS A 191 11.40 5.26 14.48
CA HIS A 191 12.09 5.41 13.21
C HIS A 191 11.39 4.65 12.09
N ASP A 192 11.29 5.30 10.94
CA ASP A 192 10.65 4.73 9.76
C ASP A 192 11.59 3.75 9.05
N PHE A 193 11.25 2.48 9.09
CA PHE A 193 12.02 1.42 8.42
C PHE A 193 11.33 0.91 7.16
N GLY A 194 10.10 1.36 6.92
CA GLY A 194 9.20 0.69 5.99
C GLY A 194 9.35 0.92 4.49
N TYR A 195 10.47 1.48 4.05
CA TYR A 195 10.68 1.74 2.63
C TYR A 195 10.51 0.47 1.78
N ARG A 196 11.13 -0.62 2.23
CA ARG A 196 11.07 -1.88 1.48
C ARG A 196 9.74 -2.60 1.71
N GLY A 197 9.02 -2.19 2.75
CA GLY A 197 7.82 -2.89 3.16
C GLY A 197 6.54 -2.35 2.53
N VAL A 198 6.67 -1.31 1.72
CA VAL A 198 5.50 -0.73 1.06
C VAL A 198 5.28 -1.29 -0.35
N SER A 199 4.17 -0.89 -0.95
CA SER A 199 3.74 -1.46 -2.22
C SER A 199 4.35 -0.77 -3.45
N SER A 200 4.97 0.39 -3.26
CA SER A 200 5.59 1.10 -4.37
C SER A 200 6.46 2.28 -3.92
N GLN A 201 7.17 2.88 -4.87
CA GLN A 201 8.02 4.02 -4.59
C GLN A 201 7.22 5.26 -4.20
N GLU A 202 6.10 5.46 -4.89
CA GLU A 202 5.27 6.64 -4.64
C GLU A 202 4.61 6.55 -3.28
N THR A 203 4.17 5.35 -2.91
CA THR A 203 3.60 5.10 -1.59
C THR A 203 4.63 5.39 -0.53
N ALA A 204 5.87 4.97 -0.78
CA ALA A 204 6.97 5.15 0.15
C ALA A 204 7.17 6.62 0.48
N GLY A 205 7.16 7.47 -0.54
CA GLY A 205 7.35 8.89 -0.35
C GLY A 205 6.18 9.52 0.36
N ILE A 206 4.98 9.01 0.09
CA ILE A 206 3.76 9.53 0.68
C ILE A 206 3.61 9.11 2.14
N GLY A 207 3.83 7.82 2.41
CA GLY A 207 3.72 7.29 3.75
C GLY A 207 4.76 7.85 4.70
N ALA A 208 5.98 8.02 4.19
CA ALA A 208 7.07 8.56 4.99
C ALA A 208 6.84 10.01 5.36
N SER A 209 6.20 10.76 4.46
CA SER A 209 5.92 12.17 4.71
C SER A 209 4.84 12.32 5.79
N ALA A 210 3.90 11.37 5.82
CA ALA A 210 2.84 11.39 6.82
C ALA A 210 3.38 11.05 8.21
N HIS A 211 4.48 10.32 8.24
CA HIS A 211 5.13 9.97 9.50
C HIS A 211 5.93 11.15 10.04
N LEU A 212 6.55 11.90 9.13
CA LEU A 212 7.38 13.04 9.49
C LEU A 212 6.56 14.21 10.04
N VAL A 213 5.24 14.10 9.93
CA VAL A 213 4.34 15.06 10.55
C VAL A 213 4.47 14.95 12.08
N ASN A 214 4.83 13.76 12.55
CA ASN A 214 4.90 13.51 13.99
C ASN A 214 6.32 13.28 14.51
N PHE A 215 7.17 12.68 13.69
CA PHE A 215 8.53 12.35 14.11
C PHE A 215 9.57 12.92 13.14
N LYS A 216 10.84 12.87 13.53
CA LYS A 216 11.93 13.37 12.69
C LYS A 216 12.89 12.28 12.22
N GLY A 217 12.69 11.05 12.69
CA GLY A 217 13.56 9.96 12.34
C GLY A 217 13.01 9.06 11.25
N THR A 218 13.70 9.02 10.11
CA THR A 218 13.23 8.24 8.98
C THR A 218 14.40 7.62 8.19
N ASP A 219 14.14 6.50 7.55
CA ASP A 219 15.11 5.87 6.65
C ASP A 219 14.58 5.89 5.23
N THR A 220 13.25 5.99 5.10
CA THR A 220 12.62 6.10 3.80
C THR A 220 12.94 7.46 3.20
N VAL A 221 14.00 7.50 2.42
CA VAL A 221 14.50 8.75 1.84
C VAL A 221 13.48 9.46 0.96
N ALA A 222 12.67 8.67 0.25
CA ALA A 222 11.71 9.19 -0.73
C ALA A 222 10.79 10.28 -0.18
N GLY A 223 10.46 10.19 1.11
CA GLY A 223 9.59 11.17 1.74
C GLY A 223 10.21 12.55 1.86
N LEU A 224 11.54 12.63 1.79
CA LEU A 224 12.22 13.91 1.92
C LEU A 224 11.99 14.81 0.70
N ALA A 225 12.05 14.23 -0.49
CA ALA A 225 11.89 15.00 -1.72
C ALA A 225 10.44 15.43 -1.91
N LEU A 226 9.51 14.56 -1.53
CA LEU A 226 8.08 14.85 -1.65
C LEU A 226 7.72 16.09 -0.83
N ILE A 227 8.20 16.13 0.41
CA ILE A 227 7.93 17.23 1.32
C ILE A 227 8.51 18.54 0.79
N LYS A 228 9.71 18.45 0.22
CA LYS A 228 10.42 19.63 -0.26
C LYS A 228 9.67 20.36 -1.36
N LYS A 229 9.11 19.61 -2.31
CA LYS A 229 8.48 20.22 -3.48
C LYS A 229 6.97 20.45 -3.35
N TYR A 230 6.34 19.77 -2.40
CA TYR A 230 4.90 19.87 -2.23
C TYR A 230 4.49 20.63 -0.97
N TYR A 231 5.36 20.68 0.03
CA TYR A 231 5.04 21.35 1.28
C TYR A 231 6.14 22.29 1.75
N GLY A 232 7.39 21.83 1.69
CA GLY A 232 8.53 22.64 2.05
C GLY A 232 8.72 22.84 3.54
N THR A 233 9.97 22.95 3.97
CA THR A 233 10.31 23.21 5.36
C THR A 233 11.39 24.28 5.45
N LYS A 234 11.46 24.97 6.59
CA LYS A 234 12.49 25.98 6.83
C LYS A 234 13.86 25.34 6.92
N ASP A 235 13.93 24.19 7.59
CA ASP A 235 15.16 23.42 7.66
C ASP A 235 15.46 22.82 6.29
N PRO A 236 16.73 22.49 6.03
CA PRO A 236 17.11 21.80 4.79
C PRO A 236 16.30 20.52 4.56
N VAL A 237 16.18 19.69 5.60
CA VAL A 237 15.43 18.44 5.51
C VAL A 237 14.57 18.21 6.74
N PRO A 238 13.42 17.53 6.57
CA PRO A 238 12.50 17.22 7.67
C PRO A 238 12.78 15.89 8.37
N GLY A 239 13.79 15.16 7.91
CA GLY A 239 14.08 13.85 8.47
C GLY A 239 15.56 13.53 8.54
N TYR A 240 15.94 12.68 9.51
CA TYR A 240 17.34 12.38 9.75
C TYR A 240 17.60 10.90 10.08
N SER A 241 18.85 10.48 9.90
CA SER A 241 19.25 9.13 10.28
C SER A 241 20.73 9.07 10.67
N VAL A 242 21.15 7.95 11.25
CA VAL A 242 22.54 7.77 11.67
C VAL A 242 23.15 6.54 10.99
N PRO A 243 24.48 6.48 10.89
CA PRO A 243 25.14 5.31 10.31
C PRO A 243 24.77 4.03 11.07
N ALA A 244 24.31 3.03 10.35
CA ALA A 244 23.88 1.78 10.97
C ALA A 244 24.17 0.58 10.09
N ALA A 245 24.19 -0.59 10.71
CA ALA A 245 24.49 -1.84 10.00
C ALA A 245 23.24 -2.64 9.67
N GLU A 246 23.37 -3.52 8.69
CA GLU A 246 22.35 -4.52 8.43
C GLU A 246 23.00 -5.89 8.60
N HIS A 247 22.24 -6.96 8.40
CA HIS A 247 22.78 -8.30 8.60
C HIS A 247 23.89 -8.64 7.61
N SER A 248 23.80 -8.12 6.40
CA SER A 248 24.81 -8.40 5.38
C SER A 248 26.18 -7.83 5.77
N THR A 249 26.20 -6.62 6.30
CA THR A 249 27.46 -5.97 6.66
C THR A 249 28.10 -6.64 7.86
N ILE A 250 27.32 -7.40 8.60
CA ILE A 250 27.84 -8.20 9.70
C ILE A 250 28.22 -9.60 9.24
N THR A 251 27.27 -10.29 8.62
CA THR A 251 27.46 -11.68 8.21
C THR A 251 28.56 -11.88 7.17
N ALA A 252 28.88 -10.83 6.43
CA ALA A 252 29.89 -10.93 5.37
C ALA A 252 31.28 -11.25 5.92
N TRP A 253 31.49 -10.98 7.20
CA TRP A 253 32.78 -11.21 7.84
C TRP A 253 33.01 -12.67 8.19
N GLY A 254 32.00 -13.50 7.94
CA GLY A 254 32.07 -14.91 8.31
C GLY A 254 31.52 -15.12 9.71
N LYS A 255 30.91 -16.28 9.94
CA LYS A 255 30.25 -16.57 11.21
C LYS A 255 31.17 -16.51 12.43
N ASP A 256 32.47 -16.66 12.20
CA ASP A 256 33.44 -16.69 13.30
C ASP A 256 33.99 -15.31 13.64
N HIS A 257 33.60 -14.29 12.89
CA HIS A 257 34.22 -12.97 13.05
C HIS A 257 33.22 -11.84 13.31
N GLU A 258 32.17 -12.11 14.07
CA GLU A 258 31.18 -11.09 14.37
C GLU A 258 31.80 -9.96 15.17
N LYS A 259 32.76 -10.30 16.04
CA LYS A 259 33.47 -9.30 16.82
C LYS A 259 34.29 -8.38 15.92
N ASP A 260 34.95 -8.98 14.92
CA ASP A 260 35.73 -8.21 13.96
C ASP A 260 34.83 -7.21 13.23
N ALA A 261 33.62 -7.66 12.88
CA ALA A 261 32.64 -6.80 12.23
C ALA A 261 32.21 -5.67 13.16
N PHE A 262 31.84 -6.03 14.39
CA PHE A 262 31.41 -5.06 15.40
C PHE A 262 32.46 -3.97 15.61
N GLU A 263 33.71 -4.40 15.82
CA GLU A 263 34.80 -3.48 16.10
C GLU A 263 35.09 -2.57 14.92
N HIS A 264 35.04 -3.12 13.71
CA HIS A 264 35.32 -2.37 12.50
C HIS A 264 34.33 -1.23 12.31
N ILE A 265 33.06 -1.50 12.61
CA ILE A 265 31.98 -0.54 12.38
C ILE A 265 31.97 0.59 13.41
N VAL A 266 32.09 0.23 14.69
CA VAL A 266 32.07 1.23 15.76
C VAL A 266 33.30 2.14 15.69
N THR A 267 34.37 1.64 15.08
CA THR A 267 35.59 2.41 14.93
C THR A 267 35.50 3.31 13.71
N GLN A 268 34.86 2.80 12.65
CA GLN A 268 34.63 3.56 11.44
C GLN A 268 33.80 4.79 11.76
N PHE A 269 32.77 4.59 12.58
CA PHE A 269 31.91 5.68 13.03
C PHE A 269 32.11 5.92 14.52
N SER A 270 33.31 6.33 14.89
CA SER A 270 33.68 6.50 16.29
C SER A 270 33.20 7.83 16.86
N SER A 271 32.80 8.74 15.98
CA SER A 271 32.48 10.10 16.38
C SER A 271 31.02 10.48 16.13
N VAL A 272 30.24 9.55 15.58
CA VAL A 272 28.82 9.78 15.36
C VAL A 272 28.01 8.64 15.98
N PRO A 273 26.71 8.87 16.25
CA PRO A 273 25.87 7.78 16.73
C PRO A 273 25.87 6.63 15.71
N VAL A 274 25.92 5.40 16.20
CA VAL A 274 25.96 4.25 15.31
C VAL A 274 25.09 3.12 15.87
N SER A 275 24.32 2.49 14.99
CA SER A 275 23.47 1.39 15.39
C SER A 275 23.95 0.09 14.77
N VAL A 276 24.04 -0.96 15.58
CA VAL A 276 24.55 -2.23 15.10
C VAL A 276 23.63 -3.38 15.47
N VAL A 277 23.03 -3.99 14.44
CA VAL A 277 22.20 -5.17 14.65
C VAL A 277 23.07 -6.29 15.18
N SER A 278 22.61 -6.95 16.23
CA SER A 278 23.46 -7.89 16.95
C SER A 278 22.81 -9.25 17.18
N ASP A 279 21.87 -9.62 16.32
CA ASP A 279 21.13 -10.86 16.51
C ASP A 279 21.38 -11.88 15.39
N SER A 280 22.42 -11.64 14.59
CA SER A 280 22.78 -12.52 13.48
C SER A 280 22.85 -13.98 13.88
N TYR A 281 23.46 -14.24 15.04
CA TYR A 281 23.67 -15.60 15.50
C TYR A 281 23.10 -15.80 16.90
N ASP A 282 23.50 -14.94 17.83
CA ASP A 282 23.01 -14.98 19.20
C ASP A 282 23.04 -13.59 19.80
N ILE A 283 21.86 -12.98 19.90
CA ILE A 283 21.74 -11.63 20.44
C ILE A 283 22.25 -11.51 21.87
N TYR A 284 22.02 -12.56 22.67
CA TYR A 284 22.33 -12.51 24.09
C TYR A 284 23.82 -12.71 24.35
N ASN A 285 24.49 -13.40 23.43
CA ASN A 285 25.93 -13.57 23.52
C ASN A 285 26.66 -12.29 23.12
N ALA A 286 26.15 -11.64 22.08
CA ALA A 286 26.78 -10.42 21.55
C ALA A 286 26.74 -9.29 22.57
N CYS A 287 25.65 -9.21 23.33
CA CYS A 287 25.50 -8.16 24.33
C CYS A 287 26.37 -8.44 25.55
N GLU A 288 26.40 -9.69 25.99
CA GLU A 288 27.06 -10.06 27.23
C GLU A 288 28.57 -10.24 27.08
N LYS A 289 28.99 -10.99 26.05
CA LYS A 289 30.40 -11.30 25.89
C LYS A 289 31.14 -10.35 24.94
N ILE A 290 30.48 -9.96 23.85
CA ILE A 290 31.14 -9.14 22.83
C ILE A 290 31.11 -7.65 23.16
N TRP A 291 29.91 -7.08 23.27
CA TRP A 291 29.79 -5.68 23.68
C TRP A 291 30.15 -5.57 25.16
N GLY A 292 29.74 -6.56 25.93
CA GLY A 292 29.85 -6.51 27.38
C GLY A 292 31.24 -6.75 27.93
N GLU A 293 32.07 -7.45 27.17
CA GLU A 293 33.42 -7.78 27.64
C GLU A 293 34.50 -7.51 26.60
N ASP A 294 34.42 -8.19 25.46
CA ASP A 294 35.43 -8.10 24.42
C ASP A 294 35.65 -6.67 23.93
N LEU A 295 34.56 -6.02 23.53
CA LEU A 295 34.63 -4.68 22.95
C LEU A 295 34.11 -3.61 23.88
N ARG A 296 34.00 -3.94 25.17
CA ARG A 296 33.49 -3.00 26.16
C ARG A 296 34.33 -1.73 26.23
N HIS A 297 35.62 -1.87 25.98
CA HIS A 297 36.55 -0.74 26.05
C HIS A 297 36.34 0.26 24.91
N LEU A 298 35.80 -0.21 23.80
CA LEU A 298 35.51 0.67 22.66
C LEU A 298 34.16 1.35 22.83
N ILE A 299 33.42 0.94 23.86
CA ILE A 299 32.07 1.46 24.09
C ILE A 299 32.07 2.54 25.15
N VAL A 300 32.66 2.24 26.30
CA VAL A 300 32.64 3.16 27.45
C VAL A 300 33.33 4.49 27.16
N SER A 301 34.16 4.53 26.13
CA SER A 301 34.89 5.75 25.79
C SER A 301 34.16 6.63 24.80
N ARG A 302 33.05 6.13 24.26
CA ARG A 302 32.30 6.87 23.24
C ARG A 302 31.62 8.12 23.80
N SER A 303 31.57 9.16 22.97
CA SER A 303 30.98 10.43 23.35
C SER A 303 29.47 10.34 23.58
N THR A 304 28.95 11.27 24.38
CA THR A 304 27.53 11.33 24.69
C THR A 304 26.71 11.61 23.44
N GLN A 305 27.29 12.38 22.52
CA GLN A 305 26.62 12.73 21.27
C GLN A 305 26.79 11.63 20.23
N ALA A 306 27.53 10.58 20.57
CA ALA A 306 27.81 9.50 19.64
C ALA A 306 27.75 8.12 20.30
N PRO A 307 26.58 7.76 20.86
CA PRO A 307 26.50 6.50 21.60
C PRO A 307 26.50 5.28 20.69
N LEU A 308 26.75 4.11 21.27
CA LEU A 308 26.49 2.86 20.57
C LEU A 308 25.03 2.49 20.78
N ILE A 309 24.33 2.23 19.69
CA ILE A 309 22.95 1.80 19.77
C ILE A 309 22.85 0.33 19.41
N ILE A 310 22.61 -0.51 20.41
CA ILE A 310 22.49 -1.94 20.20
C ILE A 310 21.11 -2.27 19.65
N ARG A 311 21.07 -3.12 18.63
CA ARG A 311 19.82 -3.42 17.95
C ARG A 311 19.50 -4.91 17.86
N PRO A 312 18.57 -5.38 18.71
CA PRO A 312 18.03 -6.72 18.55
C PRO A 312 17.00 -6.72 17.42
N ASP A 313 16.81 -7.86 16.76
CA ASP A 313 15.99 -7.90 15.56
C ASP A 313 15.17 -9.18 15.46
N SER A 314 15.02 -9.89 16.58
CA SER A 314 14.27 -11.16 16.57
C SER A 314 13.79 -11.60 17.94
N GLY A 315 12.92 -12.61 17.94
CA GLY A 315 12.35 -13.14 19.17
C GLY A 315 11.13 -12.34 19.60
N ASN A 316 10.52 -12.73 20.70
CA ASN A 316 9.44 -11.96 21.29
C ASN A 316 9.95 -10.56 21.58
N PRO A 317 9.34 -9.54 20.96
CA PRO A 317 9.77 -8.14 21.06
C PRO A 317 9.93 -7.66 22.50
N LEU A 318 8.94 -7.93 23.36
CA LEU A 318 9.00 -7.48 24.74
C LEU A 318 10.04 -8.24 25.56
N ASP A 319 9.99 -9.57 25.47
CA ASP A 319 10.89 -10.42 26.24
C ASP A 319 12.36 -10.22 25.84
N THR A 320 12.60 -9.98 24.56
CA THR A 320 13.95 -9.77 24.06
C THR A 320 14.49 -8.42 24.56
N VAL A 321 13.65 -7.39 24.53
CA VAL A 321 14.06 -6.06 24.99
C VAL A 321 14.47 -6.05 26.46
N LEU A 322 13.66 -6.67 27.30
CA LEU A 322 13.95 -6.74 28.73
C LEU A 322 15.27 -7.46 28.98
N LYS A 323 15.40 -8.65 28.40
CA LYS A 323 16.57 -9.48 28.59
C LYS A 323 17.83 -8.79 28.05
N VAL A 324 17.69 -8.05 26.96
CA VAL A 324 18.80 -7.24 26.45
C VAL A 324 19.21 -6.21 27.50
N LEU A 325 18.22 -5.47 28.01
CA LEU A 325 18.46 -4.46 29.04
C LEU A 325 19.01 -5.09 30.31
N GLU A 326 18.50 -6.27 30.66
CA GLU A 326 18.96 -6.97 31.85
C GLU A 326 20.42 -7.40 31.72
N ILE A 327 20.79 -7.85 30.52
CA ILE A 327 22.17 -8.22 30.24
C ILE A 327 23.09 -7.00 30.32
N LEU A 328 22.68 -5.93 29.63
CA LEU A 328 23.47 -4.71 29.58
C LEU A 328 23.56 -4.04 30.95
N GLY A 329 22.49 -4.15 31.73
CA GLY A 329 22.43 -3.55 33.05
C GLY A 329 23.51 -4.07 33.98
N LYS A 330 23.92 -5.31 33.77
CA LYS A 330 24.91 -5.95 34.62
C LYS A 330 26.33 -5.89 34.05
N LYS A 331 26.45 -5.43 32.82
CA LYS A 331 27.76 -5.25 32.19
C LYS A 331 28.18 -3.79 32.21
N PHE A 332 27.22 -2.90 32.39
CA PHE A 332 27.46 -1.46 32.32
C PHE A 332 26.94 -0.72 33.54
N PRO A 333 27.54 0.42 33.88
CA PRO A 333 27.13 1.23 35.03
C PRO A 333 25.76 1.89 34.85
N VAL A 334 24.74 1.33 35.49
CA VAL A 334 23.39 1.87 35.39
C VAL A 334 23.08 2.85 36.53
N THR A 335 22.41 3.95 36.20
CA THR A 335 22.00 4.90 37.22
C THR A 335 20.49 4.94 37.34
N GLU A 336 20.01 5.18 38.55
CA GLU A 336 18.58 5.35 38.80
C GLU A 336 18.25 6.83 38.70
N ASN A 337 17.27 7.18 37.89
CA ASN A 337 16.89 8.57 37.70
C ASN A 337 15.99 9.10 38.83
N SER A 338 15.66 10.39 38.76
CA SER A 338 14.89 11.04 39.82
C SER A 338 13.49 10.46 39.96
N LYS A 339 13.01 9.80 38.92
CA LYS A 339 11.68 9.18 38.95
C LYS A 339 11.76 7.73 39.43
N GLY A 340 12.97 7.22 39.61
CA GLY A 340 13.17 5.89 40.15
C GLY A 340 13.43 4.82 39.11
N TYR A 341 13.60 5.22 37.86
CA TYR A 341 13.77 4.28 36.77
C TYR A 341 15.22 4.14 36.32
N LYS A 342 15.59 2.96 35.87
CA LYS A 342 16.98 2.65 35.53
C LYS A 342 17.37 3.23 34.17
N LEU A 343 18.61 3.71 34.09
CA LEU A 343 19.10 4.37 32.89
C LEU A 343 20.51 3.90 32.52
N LEU A 344 20.70 3.51 31.26
CA LEU A 344 22.00 3.09 30.76
C LEU A 344 22.97 4.27 30.74
N PRO A 345 24.28 3.98 30.68
CA PRO A 345 25.26 5.05 30.48
C PRO A 345 25.00 5.75 29.15
N PRO A 346 25.22 7.07 29.09
CA PRO A 346 24.85 7.92 27.95
C PRO A 346 25.49 7.49 26.63
N TYR A 347 26.52 6.66 26.68
CA TYR A 347 27.16 6.17 25.47
C TYR A 347 26.53 4.88 24.96
N LEU A 348 25.41 4.48 25.57
CA LEU A 348 24.79 3.21 25.24
C LEU A 348 23.26 3.30 25.21
N ARG A 349 22.69 2.99 24.04
CA ARG A 349 21.25 3.00 23.88
C ARG A 349 20.79 1.77 23.12
N VAL A 350 19.47 1.57 23.05
CA VAL A 350 18.89 0.41 22.39
C VAL A 350 17.81 0.82 21.40
N ILE A 351 17.76 0.14 20.25
CA ILE A 351 16.65 0.32 19.33
C ILE A 351 16.03 -1.02 18.98
N GLN A 352 14.70 -1.09 19.13
CA GLN A 352 13.94 -2.28 18.78
C GLN A 352 13.15 -1.99 17.51
N GLY A 353 13.57 -2.61 16.41
CA GLY A 353 12.99 -2.33 15.11
C GLY A 353 12.41 -3.53 14.40
N ASP A 354 11.97 -4.51 15.17
CA ASP A 354 11.37 -5.72 14.61
C ASP A 354 10.00 -6.02 15.20
N GLY A 355 9.03 -6.23 14.32
CA GLY A 355 7.68 -6.58 14.74
C GLY A 355 7.01 -5.55 15.62
N VAL A 356 7.23 -4.27 15.33
CA VAL A 356 6.63 -3.21 16.12
C VAL A 356 5.48 -2.49 15.38
N ASP A 357 4.30 -2.54 15.97
CA ASP A 357 3.18 -1.71 15.52
C ASP A 357 2.67 -0.92 16.71
N ILE A 358 1.47 -0.39 16.63
CA ILE A 358 0.91 0.38 17.74
C ILE A 358 0.57 -0.52 18.93
N ASN A 359 0.11 -1.74 18.63
CA ASN A 359 -0.23 -2.70 19.68
C ASN A 359 0.99 -3.14 20.49
N THR A 360 2.00 -3.63 19.78
CA THR A 360 3.19 -4.16 20.43
C THR A 360 4.00 -3.08 21.11
N LEU A 361 4.00 -1.87 20.54
CA LEU A 361 4.69 -0.73 21.13
C LEU A 361 4.17 -0.45 22.53
N GLN A 362 2.85 -0.56 22.69
CA GLN A 362 2.22 -0.33 23.98
C GLN A 362 2.66 -1.40 24.98
N GLU A 363 2.74 -2.64 24.53
CA GLU A 363 3.10 -3.75 25.39
C GLU A 363 4.56 -3.69 25.84
N ILE A 364 5.42 -3.13 24.99
CA ILE A 364 6.84 -3.04 25.32
C ILE A 364 7.09 -2.00 26.40
N VAL A 365 6.63 -0.76 26.16
CA VAL A 365 6.86 0.31 27.11
C VAL A 365 6.20 0.05 28.47
N GLU A 366 5.03 -0.57 28.46
CA GLU A 366 4.37 -0.95 29.69
C GLU A 366 5.17 -2.06 30.37
N GLY A 367 5.72 -2.95 29.55
CA GLY A 367 6.58 -4.01 30.05
C GLY A 367 7.86 -3.43 30.62
N MET A 368 8.43 -2.45 29.94
CA MET A 368 9.63 -1.77 30.42
C MET A 368 9.37 -1.04 31.73
N LYS A 369 8.19 -0.44 31.85
CA LYS A 369 7.86 0.31 33.06
C LYS A 369 7.67 -0.61 34.25
N GLN A 370 7.06 -1.77 34.03
CA GLN A 370 6.85 -2.74 35.09
C GLN A 370 8.19 -3.24 35.64
N LYS A 371 9.19 -3.30 34.76
CA LYS A 371 10.53 -3.74 35.16
C LYS A 371 11.43 -2.56 35.51
N MET A 372 10.81 -1.40 35.71
CA MET A 372 11.50 -0.20 36.16
C MET A 372 12.58 0.32 35.20
N TRP A 373 12.41 0.02 33.91
CA TRP A 373 13.32 0.54 32.89
C TRP A 373 12.75 1.80 32.26
N SER A 374 13.58 2.83 32.14
CA SER A 374 13.13 4.09 31.57
C SER A 374 13.03 4.01 30.04
N ILE A 375 12.08 4.75 29.50
CA ILE A 375 11.85 4.79 28.06
C ILE A 375 12.94 5.58 27.32
N GLU A 376 13.69 6.39 28.07
CA GLU A 376 14.80 7.14 27.48
C GLU A 376 15.96 6.23 27.08
N ASN A 377 15.90 4.97 27.49
CA ASN A 377 16.89 3.97 27.13
C ASN A 377 16.71 3.48 25.69
N ILE A 378 15.49 3.59 25.19
CA ILE A 378 15.13 2.92 23.96
C ILE A 378 14.43 3.82 22.94
N ALA A 379 14.72 3.59 21.68
CA ALA A 379 13.93 4.14 20.58
C ALA A 379 13.40 2.95 19.79
N PHE A 380 12.35 3.16 19.01
CA PHE A 380 11.78 2.05 18.27
C PHE A 380 11.90 2.25 16.76
N GLY A 381 11.77 1.14 16.03
CA GLY A 381 11.75 1.18 14.58
C GLY A 381 10.59 0.34 14.11
N SER A 382 9.86 0.84 13.12
CA SER A 382 8.72 0.12 12.58
C SER A 382 8.70 0.20 11.06
N GLY A 383 8.43 -0.94 10.42
CA GLY A 383 8.45 -1.02 8.98
C GLY A 383 7.06 -1.13 8.38
N GLY A 384 6.62 -2.37 8.15
CA GLY A 384 5.30 -2.62 7.59
C GLY A 384 4.16 -2.14 8.49
N GLY A 385 4.39 -2.18 9.80
CA GLY A 385 3.41 -1.71 10.76
C GLY A 385 3.17 -0.22 10.63
N LEU A 386 4.25 0.51 10.34
CA LEU A 386 4.18 1.96 10.21
C LEU A 386 3.58 2.41 8.89
N LEU A 387 3.96 1.76 7.80
CA LEU A 387 3.61 2.26 6.46
C LEU A 387 2.64 1.37 5.66
N GLN A 388 2.65 0.07 5.88
CA GLN A 388 1.89 -0.83 5.02
C GLN A 388 0.67 -1.47 5.67
N LYS A 389 0.81 -1.89 6.92
CA LYS A 389 -0.29 -2.57 7.60
C LYS A 389 -1.39 -1.60 8.01
N LEU A 390 -1.98 -0.94 7.01
CA LEU A 390 -3.05 0.03 7.23
C LEU A 390 -4.03 -0.05 6.06
N THR A 391 -5.32 0.12 6.35
CA THR A 391 -6.34 0.14 5.30
C THR A 391 -7.27 1.33 5.43
N ARG A 392 -8.21 1.43 4.50
CA ARG A 392 -9.18 2.51 4.50
C ARG A 392 -10.30 2.19 5.49
N ASP A 393 -10.35 0.94 5.91
CA ASP A 393 -11.33 0.50 6.91
C ASP A 393 -11.06 1.10 8.28
N LEU A 394 -9.78 1.30 8.59
CA LEU A 394 -9.34 1.73 9.90
C LEU A 394 -10.04 3.00 10.41
N LEU A 395 -10.01 4.05 9.59
CA LEU A 395 -10.65 5.32 9.96
C LEU A 395 -11.97 5.53 9.22
N ASN A 396 -12.34 4.56 8.39
CA ASN A 396 -13.55 4.65 7.59
C ASN A 396 -13.58 5.91 6.72
N CYS A 397 -12.48 6.14 6.02
CA CYS A 397 -12.38 7.29 5.14
C CYS A 397 -13.29 7.11 3.93
N SER A 398 -14.37 7.89 3.90
CA SER A 398 -15.41 7.70 2.90
C SER A 398 -15.74 9.01 2.16
N PHE A 399 -16.20 8.86 0.92
CA PHE A 399 -16.54 9.98 0.06
C PHE A 399 -17.97 9.76 -0.41
N LYS A 400 -18.87 10.67 -0.04
CA LYS A 400 -20.29 10.50 -0.34
C LYS A 400 -20.91 11.78 -0.90
N CYS A 401 -21.91 11.61 -1.77
CA CYS A 401 -22.68 12.72 -2.29
C CYS A 401 -23.75 13.11 -1.28
N SER A 402 -23.88 14.40 -1.00
CA SER A 402 -24.85 14.86 -0.01
C SER A 402 -25.79 15.95 -0.51
N TYR A 403 -25.47 16.54 -1.66
CA TYR A 403 -26.27 17.65 -2.17
C TYR A 403 -26.25 17.69 -3.68
N VAL A 404 -27.44 17.84 -4.26
N VAL A 404 -27.43 17.86 -4.26
CA VAL A 404 -27.58 17.90 -5.71
CA VAL A 404 -27.62 17.86 -5.72
C VAL A 404 -28.64 18.91 -6.11
C VAL A 404 -28.66 18.89 -6.13
N VAL A 405 -28.38 19.64 -7.20
CA VAL A 405 -29.35 20.57 -7.74
C VAL A 405 -29.95 20.05 -9.05
N THR A 406 -31.23 19.74 -9.02
CA THR A 406 -31.94 19.25 -10.20
C THR A 406 -33.11 20.16 -10.52
N ASN A 407 -33.26 20.53 -11.79
CA ASN A 407 -34.32 21.44 -12.22
C ASN A 407 -34.32 22.77 -11.46
N GLY A 408 -33.14 23.19 -11.01
CA GLY A 408 -32.98 24.43 -10.26
C GLY A 408 -33.26 24.25 -8.78
N LEU A 409 -33.85 23.10 -8.44
CA LEU A 409 -34.24 22.81 -7.07
C LEU A 409 -33.19 21.93 -6.38
N GLY A 410 -32.69 22.39 -5.24
CA GLY A 410 -31.69 21.64 -4.51
C GLY A 410 -32.30 20.69 -3.50
N ILE A 411 -31.77 19.46 -3.44
CA ILE A 411 -32.23 18.48 -2.45
C ILE A 411 -31.07 17.87 -1.66
N ASN A 412 -31.34 17.47 -0.43
CA ASN A 412 -30.34 16.84 0.41
C ASN A 412 -30.34 15.32 0.22
N VAL A 413 -29.21 14.78 -0.21
CA VAL A 413 -29.12 13.35 -0.54
C VAL A 413 -28.21 12.60 0.44
N PHE A 414 -28.46 11.30 0.58
CA PHE A 414 -27.77 10.49 1.58
C PHE A 414 -28.03 9.02 1.36
N LYS A 415 -27.19 8.17 1.94
CA LYS A 415 -27.45 6.73 1.97
C LYS A 415 -27.73 6.31 3.41
N ASP A 416 -28.57 5.28 3.57
CA ASP A 416 -28.91 4.78 4.90
C ASP A 416 -29.36 3.33 4.82
N PRO A 417 -28.40 2.40 4.64
CA PRO A 417 -28.71 0.97 4.51
C PRO A 417 -29.44 0.46 5.73
N VAL A 418 -30.49 -0.34 5.51
CA VAL A 418 -31.33 -0.84 6.58
C VAL A 418 -30.55 -1.73 7.55
N ALA A 419 -29.52 -2.42 7.04
CA ALA A 419 -28.78 -3.38 7.84
C ALA A 419 -27.45 -2.84 8.36
N ASP A 420 -27.22 -1.54 8.21
CA ASP A 420 -25.98 -0.94 8.70
C ASP A 420 -26.10 0.57 8.88
N PRO A 421 -26.61 1.01 10.03
CA PRO A 421 -26.71 2.44 10.38
C PRO A 421 -25.35 3.12 10.43
N ASN A 422 -24.28 2.34 10.62
CA ASN A 422 -22.94 2.87 10.60
C ASN A 422 -22.58 3.48 9.25
N LYS A 423 -23.12 2.89 8.18
CA LYS A 423 -22.82 3.34 6.83
C LYS A 423 -23.71 4.48 6.35
N ARG A 424 -24.48 5.06 7.25
CA ARG A 424 -25.32 6.21 6.91
C ARG A 424 -24.46 7.43 6.59
N SER A 425 -24.87 8.19 5.57
CA SER A 425 -24.14 9.39 5.20
C SER A 425 -24.92 10.65 5.58
N LYS A 426 -24.25 11.81 5.51
CA LYS A 426 -24.86 13.07 5.91
C LYS A 426 -25.73 13.68 4.82
N LYS A 427 -26.58 14.64 5.20
CA LYS A 427 -27.50 15.27 4.27
C LYS A 427 -27.10 16.70 3.95
N GLY A 428 -27.25 17.08 2.69
CA GLY A 428 -27.15 18.46 2.27
C GLY A 428 -25.77 19.08 2.27
N ARG A 429 -25.74 20.41 2.11
CA ARG A 429 -24.50 21.17 2.15
C ARG A 429 -23.94 21.17 3.57
N LEU A 430 -22.63 20.96 3.68
CA LEU A 430 -21.99 20.81 4.98
C LEU A 430 -21.05 21.96 5.31
N SER A 431 -20.76 22.10 6.61
CA SER A 431 -19.80 23.08 7.07
C SER A 431 -19.24 22.63 8.42
N LEU A 432 -17.98 22.97 8.67
CA LEU A 432 -17.29 22.55 9.89
C LEU A 432 -17.12 23.73 10.85
N HIS A 433 -17.52 23.53 12.11
CA HIS A 433 -17.53 24.64 13.06
C HIS A 433 -16.94 24.30 14.42
N ARG A 434 -16.43 25.33 15.09
CA ARG A 434 -15.93 25.20 16.45
C ARG A 434 -17.10 25.39 17.40
N THR A 435 -17.27 24.43 18.31
CA THR A 435 -18.38 24.47 19.27
C THR A 435 -18.08 25.50 20.35
N PRO A 436 -19.11 25.90 21.13
CA PRO A 436 -18.87 26.81 22.25
C PRO A 436 -17.82 26.31 23.24
N ALA A 437 -17.74 24.99 23.42
CA ALA A 437 -16.75 24.41 24.34
C ALA A 437 -15.41 24.17 23.64
N GLY A 438 -15.29 24.62 22.40
CA GLY A 438 -14.04 24.53 21.68
C GLY A 438 -13.86 23.24 20.90
N ASN A 439 -14.89 22.42 20.85
CA ASN A 439 -14.85 21.17 20.08
C ASN A 439 -15.30 21.39 18.64
N PHE A 440 -15.52 20.30 17.92
CA PHE A 440 -15.90 20.40 16.52
C PHE A 440 -17.31 19.88 16.27
N VAL A 441 -18.00 20.50 15.32
CA VAL A 441 -19.32 20.06 14.90
C VAL A 441 -19.48 20.24 13.40
N THR A 442 -20.13 19.27 12.76
CA THR A 442 -20.42 19.35 11.33
C THR A 442 -21.90 19.65 11.13
N LEU A 443 -22.20 20.82 10.57
CA LEU A 443 -23.57 21.23 10.33
C LEU A 443 -24.06 20.74 8.97
N GLU A 444 -25.24 20.13 8.98
CA GLU A 444 -25.82 19.56 7.76
C GLU A 444 -26.98 20.41 7.27
N GLU A 445 -27.49 20.08 6.08
CA GLU A 445 -28.64 20.77 5.48
C GLU A 445 -28.43 22.27 5.29
N GLY A 446 -27.18 22.68 5.13
CA GLY A 446 -26.85 24.07 4.93
C GLY A 446 -27.07 24.93 6.16
N LYS A 447 -27.31 24.30 7.31
CA LYS A 447 -27.59 25.02 8.55
C LYS A 447 -26.46 25.96 8.97
N GLY A 448 -25.27 25.75 8.41
CA GLY A 448 -24.14 26.62 8.69
C GLY A 448 -24.36 28.05 8.21
N ASP A 449 -25.29 28.22 7.28
CA ASP A 449 -25.62 29.55 6.76
C ASP A 449 -26.32 30.41 7.81
N LEU A 450 -26.91 29.78 8.81
CA LEU A 450 -27.64 30.48 9.85
C LEU A 450 -26.73 31.30 10.77
N GLU A 451 -25.43 31.14 10.63
CA GLU A 451 -24.43 31.90 11.37
C GLU A 451 -24.51 31.70 12.89
N GLU A 452 -25.17 30.62 13.32
CA GLU A 452 -25.32 30.34 14.74
C GLU A 452 -24.01 29.85 15.37
N TYR A 453 -23.08 29.43 14.50
CA TYR A 453 -21.76 29.03 14.96
C TYR A 453 -20.72 29.98 14.42
N GLY A 454 -19.45 29.64 14.58
CA GLY A 454 -18.37 30.47 14.09
C GLY A 454 -18.27 30.40 12.57
N GLN A 455 -17.17 30.87 12.02
CA GLN A 455 -16.95 30.79 10.59
C GLN A 455 -16.63 29.34 10.20
N ASP A 456 -17.02 28.96 8.99
CA ASP A 456 -16.72 27.65 8.44
C ASP A 456 -15.20 27.43 8.46
N LEU A 457 -14.77 26.33 9.08
CA LEU A 457 -13.34 26.03 9.19
C LEU A 457 -12.75 25.46 7.90
N LEU A 458 -13.62 25.11 6.96
CA LEU A 458 -13.18 24.64 5.66
C LEU A 458 -12.75 25.83 4.82
N HIS A 459 -11.66 25.67 4.07
CA HIS A 459 -11.13 26.75 3.25
C HIS A 459 -11.03 26.27 1.81
N THR A 460 -11.32 27.15 0.86
CA THR A 460 -11.14 26.82 -0.55
C THR A 460 -9.67 26.59 -0.81
N VAL A 461 -9.32 25.35 -1.15
CA VAL A 461 -7.93 25.00 -1.42
C VAL A 461 -7.70 24.80 -2.92
N PHE A 462 -8.80 24.51 -3.63
CA PHE A 462 -8.73 24.26 -5.07
C PHE A 462 -9.96 24.83 -5.76
N LYS A 463 -9.76 25.57 -6.84
CA LYS A 463 -10.88 26.11 -7.60
C LYS A 463 -10.49 26.35 -9.05
N ASN A 464 -11.26 25.75 -9.97
CA ASN A 464 -11.10 25.96 -11.41
C ASN A 464 -9.69 25.72 -11.95
N GLY A 465 -9.02 24.71 -11.42
CA GLY A 465 -7.72 24.30 -11.93
C GLY A 465 -6.52 24.85 -11.19
N LYS A 466 -6.76 25.73 -10.22
CA LYS A 466 -5.66 26.35 -9.50
C LYS A 466 -5.75 26.13 -8.00
N VAL A 467 -4.63 25.74 -7.40
CA VAL A 467 -4.53 25.61 -5.95
C VAL A 467 -4.55 26.99 -5.31
N THR A 468 -5.53 27.22 -4.45
CA THR A 468 -5.77 28.55 -3.92
C THR A 468 -5.26 28.77 -2.49
N LYS A 469 -4.97 27.68 -1.79
CA LYS A 469 -4.52 27.76 -0.41
C LYS A 469 -3.51 26.67 -0.08
N SER A 470 -2.33 27.07 0.38
CA SER A 470 -1.24 26.13 0.65
C SER A 470 -0.76 26.19 2.10
N TYR A 471 -0.17 25.09 2.54
CA TYR A 471 0.38 25.02 3.89
C TYR A 471 1.80 24.46 3.86
N SER A 472 2.73 25.13 4.52
CA SER A 472 4.08 24.63 4.62
C SER A 472 4.07 23.41 5.51
N PHE A 473 5.10 22.57 5.39
CA PHE A 473 5.18 21.38 6.23
C PHE A 473 5.50 21.78 7.66
N ASP A 474 5.94 23.03 7.84
CA ASP A 474 6.18 23.58 9.17
C ASP A 474 4.85 23.84 9.88
N GLU A 475 3.88 24.34 9.13
CA GLU A 475 2.56 24.62 9.68
C GLU A 475 1.85 23.32 10.06
N ILE A 476 1.88 22.37 9.14
CA ILE A 476 1.24 21.07 9.34
C ILE A 476 1.77 20.38 10.60
N ARG A 477 3.08 20.47 10.82
CA ARG A 477 3.68 19.94 12.03
C ARG A 477 3.15 20.66 13.27
N LYS A 478 3.08 21.99 13.19
CA LYS A 478 2.58 22.81 14.29
C LYS A 478 1.12 22.48 14.62
N ASN A 479 0.32 22.26 13.58
CA ASN A 479 -1.09 21.95 13.77
C ASN A 479 -1.35 20.61 14.46
N ALA A 480 -0.52 19.61 14.15
CA ALA A 480 -0.76 18.24 14.60
C ALA A 480 -0.09 17.88 15.93
N GLN A 481 0.48 18.87 16.59
CA GLN A 481 1.16 18.65 17.88
C GLN A 481 0.28 17.93 18.91
N LEU A 482 0.93 17.18 19.80
CA LEU A 482 0.23 16.52 20.89
C LEU A 482 -0.11 17.55 21.97
N ASN A 483 -1.09 17.24 22.80
CA ASN A 483 -1.50 18.16 23.86
C ASN A 483 -0.44 18.35 24.96
N ILE A 484 0.23 17.26 25.33
CA ILE A 484 1.30 17.36 26.34
C ILE A 484 2.50 18.15 25.81
N GLU A 485 2.63 18.19 24.48
CA GLU A 485 3.69 18.98 23.86
C GLU A 485 3.34 20.46 23.91
N LEU A 486 2.06 20.77 23.80
CA LEU A 486 1.58 22.14 23.94
C LEU A 486 1.70 22.59 25.39
N GLU A 487 1.63 21.62 26.30
CA GLU A 487 1.68 21.90 27.74
C GLU A 487 3.11 22.14 28.23
N ALA A 488 4.00 22.50 27.31
CA ALA A 488 5.40 22.77 27.65
C ALA A 488 5.87 24.06 27.01
N GLU B 8 12.09 13.90 -11.40
CA GLU B 8 12.57 12.67 -12.00
C GLU B 8 13.11 11.71 -10.94
N PHE B 9 12.98 10.42 -11.19
CA PHE B 9 13.46 9.39 -10.26
C PHE B 9 14.99 9.40 -10.14
N ASN B 10 15.48 9.15 -8.93
CA ASN B 10 16.91 9.08 -8.67
C ASN B 10 17.25 7.87 -7.80
N ILE B 11 17.84 6.85 -8.42
CA ILE B 11 18.14 5.59 -7.73
C ILE B 11 19.13 5.77 -6.56
N LEU B 12 19.87 6.88 -6.58
CA LEU B 12 20.78 7.20 -5.50
C LEU B 12 19.99 7.63 -4.26
N LEU B 13 18.73 7.95 -4.45
CA LEU B 13 17.84 8.37 -3.37
C LEU B 13 16.74 7.33 -3.12
N ALA B 14 16.86 6.16 -3.74
CA ALA B 14 15.83 5.15 -3.64
C ALA B 14 16.29 3.93 -2.85
N THR B 15 16.85 4.16 -1.67
CA THR B 15 17.31 3.09 -0.82
C THR B 15 17.11 3.49 0.64
N ASP B 16 17.08 2.51 1.54
CA ASP B 16 17.06 2.81 2.97
C ASP B 16 18.32 3.63 3.27
N SER B 17 18.16 4.63 4.14
N SER B 17 18.18 4.62 4.14
CA SER B 17 19.22 5.58 4.46
CA SER B 17 19.28 5.59 4.35
C SER B 17 20.52 4.92 4.87
C SER B 17 20.56 4.97 4.92
N TYR B 18 20.43 3.95 5.77
CA TYR B 18 21.63 3.32 6.35
C TYR B 18 22.51 2.60 5.34
N LYS B 19 21.94 2.23 4.19
CA LYS B 19 22.70 1.56 3.14
C LYS B 19 23.72 2.50 2.50
N VAL B 20 23.53 3.80 2.70
CA VAL B 20 24.49 4.80 2.24
C VAL B 20 25.81 4.65 3.00
N THR B 21 25.74 4.09 4.21
CA THR B 21 26.92 3.93 5.05
C THR B 21 27.49 2.52 5.02
N HIS B 22 26.93 1.66 4.18
CA HIS B 22 27.30 0.25 4.19
C HIS B 22 28.63 -0.07 3.49
N TYR B 23 29.05 0.79 2.56
CA TYR B 23 30.29 0.54 1.83
C TYR B 23 31.51 0.65 2.74
N LYS B 24 31.32 1.24 3.91
CA LYS B 24 32.39 1.37 4.89
C LYS B 24 32.34 0.26 5.94
N GLN B 25 31.46 -0.71 5.74
CA GLN B 25 31.21 -1.71 6.78
C GLN B 25 31.60 -3.14 6.39
N TYR B 26 31.61 -3.41 5.08
CA TYR B 26 32.00 -4.72 4.58
C TYR B 26 33.48 -4.97 4.87
N PRO B 27 33.89 -6.25 4.95
CA PRO B 27 35.31 -6.53 5.17
C PRO B 27 36.15 -5.93 4.05
N PRO B 28 37.28 -5.31 4.41
CA PRO B 28 38.20 -4.71 3.42
C PRO B 28 38.57 -5.69 2.33
N ASN B 29 38.79 -5.20 1.12
CA ASN B 29 39.10 -6.03 -0.04
C ASN B 29 37.98 -7.01 -0.40
N THR B 30 36.74 -6.57 -0.26
CA THR B 30 35.60 -7.36 -0.71
C THR B 30 35.28 -7.00 -2.15
N SER B 31 35.23 -8.00 -3.02
CA SER B 31 35.11 -7.77 -4.45
C SER B 31 33.76 -8.26 -4.99
N LYS B 32 33.11 -9.14 -4.23
CA LYS B 32 31.85 -9.73 -4.67
C LYS B 32 30.86 -9.78 -3.52
N VAL B 33 29.68 -9.19 -3.74
CA VAL B 33 28.57 -9.37 -2.82
C VAL B 33 27.41 -10.00 -3.58
N TYR B 34 27.00 -11.19 -3.13
CA TYR B 34 26.01 -11.99 -3.81
C TYR B 34 24.83 -12.22 -2.87
N SER B 35 23.64 -11.80 -3.30
CA SER B 35 22.46 -11.89 -2.46
C SER B 35 21.27 -12.53 -3.18
N TYR B 36 20.32 -13.04 -2.43
CA TYR B 36 19.17 -13.72 -3.02
C TYR B 36 17.85 -13.24 -2.42
N PHE B 37 16.75 -13.67 -3.03
CA PHE B 37 15.42 -13.28 -2.58
C PHE B 37 14.55 -14.52 -2.45
N GLU B 38 13.81 -14.63 -1.36
CA GLU B 38 12.93 -15.78 -1.15
C GLU B 38 11.64 -15.43 -0.44
N CYS B 39 10.61 -16.23 -0.67
CA CYS B 39 9.43 -16.21 0.19
C CYS B 39 9.68 -17.21 1.29
N ARG B 40 10.32 -16.75 2.36
CA ARG B 40 10.89 -17.61 3.39
C ARG B 40 9.90 -18.59 4.01
N GLU B 41 10.45 -19.67 4.57
CA GLU B 41 9.69 -20.72 5.25
C GLU B 41 8.84 -21.55 4.29
N VAL B 52 -4.89 -19.40 7.37
CA VAL B 52 -4.76 -19.74 5.95
C VAL B 52 -3.30 -19.95 5.57
N LYS B 53 -3.06 -20.96 4.74
CA LYS B 53 -1.71 -21.29 4.30
C LYS B 53 -1.44 -20.83 2.87
N TYR B 54 -0.27 -20.25 2.65
CA TYR B 54 0.17 -19.88 1.31
C TYR B 54 1.43 -20.65 0.95
N GLU B 55 1.26 -21.93 0.60
CA GLU B 55 2.40 -22.83 0.43
C GLU B 55 3.15 -22.65 -0.89
N GLU B 56 2.54 -21.94 -1.84
CA GLU B 56 3.18 -21.68 -3.12
C GLU B 56 2.86 -20.28 -3.60
N THR B 57 3.84 -19.62 -4.20
CA THR B 57 3.69 -18.22 -4.56
C THR B 57 3.90 -17.97 -6.05
N VAL B 58 3.16 -17.01 -6.59
CA VAL B 58 3.32 -16.60 -7.98
C VAL B 58 4.42 -15.55 -8.10
N PHE B 59 5.50 -15.90 -8.79
CA PHE B 59 6.53 -14.90 -9.03
C PHE B 59 6.13 -13.96 -10.15
N TYR B 60 5.94 -12.69 -9.82
CA TYR B 60 5.54 -11.69 -10.79
C TYR B 60 5.85 -10.29 -10.29
N GLY B 61 6.34 -9.42 -11.18
CA GLY B 61 6.50 -8.02 -10.86
C GLY B 61 7.90 -7.46 -11.09
N LEU B 62 8.89 -8.34 -11.09
CA LEU B 62 10.29 -7.92 -11.19
C LEU B 62 10.57 -7.15 -12.48
N GLN B 63 10.02 -7.63 -13.59
CA GLN B 63 10.26 -7.05 -14.91
C GLN B 63 9.87 -5.56 -14.98
N TYR B 64 8.81 -5.20 -14.27
CA TYR B 64 8.41 -3.81 -14.13
C TYR B 64 9.53 -2.97 -13.53
N ILE B 65 10.03 -3.43 -12.38
CA ILE B 65 11.06 -2.73 -11.63
C ILE B 65 12.37 -2.63 -12.41
N LEU B 66 12.72 -3.71 -13.11
CA LEU B 66 13.92 -3.72 -13.94
C LEU B 66 13.86 -2.63 -15.01
N ASN B 67 12.71 -2.54 -15.69
CA ASN B 67 12.54 -1.59 -16.79
C ASN B 67 12.37 -0.15 -16.31
N LYS B 68 11.46 0.06 -15.38
CA LYS B 68 11.12 1.39 -14.93
C LYS B 68 12.24 2.06 -14.13
N TYR B 69 12.98 1.26 -13.38
CA TYR B 69 13.89 1.81 -12.37
C TYR B 69 15.37 1.46 -12.50
N LEU B 70 15.69 0.31 -13.09
CA LEU B 70 17.09 -0.16 -13.06
C LEU B 70 17.84 -0.07 -14.39
N LYS B 71 17.16 -0.29 -15.50
CA LYS B 71 17.84 -0.36 -16.79
C LYS B 71 18.28 0.99 -17.33
N GLY B 72 19.31 0.96 -18.17
CA GLY B 72 19.79 2.17 -18.84
C GLY B 72 20.64 3.08 -17.99
N LYS B 73 20.85 4.29 -18.47
CA LYS B 73 21.63 5.30 -17.76
C LYS B 73 20.84 5.84 -16.58
N VAL B 74 21.07 5.29 -15.40
CA VAL B 74 20.34 5.68 -14.21
C VAL B 74 21.17 6.61 -13.32
N VAL B 75 22.41 6.84 -13.72
CA VAL B 75 23.30 7.69 -12.94
C VAL B 75 23.79 8.86 -13.79
N THR B 76 23.69 10.07 -13.25
CA THR B 76 24.22 11.26 -13.91
C THR B 76 24.94 12.13 -12.89
N LYS B 77 25.68 13.11 -13.38
CA LYS B 77 26.43 14.01 -12.50
C LYS B 77 25.48 14.88 -11.67
N GLU B 78 24.27 15.08 -12.18
CA GLU B 78 23.26 15.84 -11.47
C GLU B 78 22.66 15.02 -10.33
N LYS B 79 22.43 13.74 -10.59
CA LYS B 79 21.83 12.85 -9.61
C LYS B 79 22.82 12.53 -8.48
N ILE B 80 24.10 12.56 -8.80
CA ILE B 80 25.15 12.34 -7.80
C ILE B 80 25.26 13.57 -6.90
N GLN B 81 25.24 14.75 -7.50
CA GLN B 81 25.31 16.00 -6.75
C GLN B 81 24.07 16.18 -5.87
N GLU B 82 22.92 15.78 -6.41
CA GLU B 82 21.66 15.88 -5.67
C GLU B 82 21.68 14.99 -4.43
N ALA B 83 22.13 13.76 -4.60
CA ALA B 83 22.21 12.82 -3.50
C ALA B 83 23.27 13.26 -2.48
N LYS B 84 24.33 13.89 -2.98
CA LYS B 84 25.38 14.42 -2.13
C LYS B 84 24.80 15.47 -1.19
N ASP B 85 23.99 16.36 -1.76
CA ASP B 85 23.42 17.48 -1.00
C ASP B 85 22.38 17.01 0.02
N VAL B 86 21.52 16.09 -0.40
CA VAL B 86 20.45 15.59 0.46
C VAL B 86 21.00 14.80 1.65
N TYR B 87 21.90 13.88 1.37
CA TYR B 87 22.45 13.01 2.42
C TYR B 87 23.30 13.77 3.43
N LYS B 88 23.97 14.83 2.97
CA LYS B 88 24.75 15.67 3.86
C LYS B 88 23.89 16.27 4.97
N GLU B 89 22.71 16.74 4.61
CA GLU B 89 21.78 17.32 5.58
C GLU B 89 21.05 16.23 6.34
N HIS B 90 20.85 15.09 5.68
CA HIS B 90 20.10 13.97 6.26
C HIS B 90 20.88 13.31 7.40
N PHE B 91 22.20 13.24 7.25
CA PHE B 91 23.06 12.64 8.27
C PHE B 91 23.78 13.70 9.10
N GLN B 92 23.59 14.96 8.73
CA GLN B 92 24.34 16.07 9.34
C GLN B 92 25.84 15.81 9.21
N ASP B 93 26.23 15.18 8.11
CA ASP B 93 27.61 14.77 7.87
C ASP B 93 27.70 14.26 6.44
N ASP B 94 28.92 14.12 5.92
CA ASP B 94 29.10 13.62 4.57
C ASP B 94 29.65 12.19 4.58
N VAL B 95 28.76 11.23 4.37
CA VAL B 95 29.13 9.82 4.41
C VAL B 95 28.79 9.16 3.07
N PHE B 96 28.14 9.94 2.19
CA PHE B 96 27.77 9.46 0.87
C PHE B 96 29.00 9.10 0.03
N ASN B 97 28.96 7.93 -0.60
CA ASN B 97 30.06 7.47 -1.45
C ASN B 97 29.98 8.06 -2.86
N GLU B 98 30.45 9.29 -3.01
CA GLU B 98 30.43 9.99 -4.28
C GLU B 98 31.38 9.33 -5.30
N LYS B 99 32.54 8.91 -4.83
CA LYS B 99 33.54 8.25 -5.68
C LYS B 99 32.99 6.99 -6.33
N GLY B 100 32.24 6.20 -5.56
CA GLY B 100 31.69 4.96 -6.04
C GLY B 100 30.69 5.16 -7.16
N TRP B 101 29.82 6.14 -6.99
CA TRP B 101 28.81 6.45 -8.00
C TRP B 101 29.42 7.16 -9.19
N ASN B 102 30.47 7.95 -8.94
CA ASN B 102 31.20 8.59 -10.03
C ASN B 102 31.95 7.56 -10.87
N TYR B 103 32.34 6.45 -10.25
CA TYR B 103 32.95 5.34 -10.96
C TYR B 103 31.96 4.72 -11.95
N ILE B 104 30.74 4.49 -11.48
CA ILE B 104 29.67 3.96 -12.32
C ILE B 104 29.45 4.85 -13.54
N LEU B 105 29.32 6.15 -13.28
CA LEU B 105 29.07 7.13 -14.33
C LEU B 105 30.18 7.15 -15.38
N GLU B 106 31.42 7.11 -14.91
CA GLU B 106 32.57 7.20 -15.81
C GLU B 106 32.85 5.91 -16.55
N LYS B 107 32.83 4.79 -15.83
CA LYS B 107 33.19 3.50 -16.42
C LYS B 107 32.09 2.93 -17.29
N TYR B 108 30.84 2.99 -16.83
CA TYR B 108 29.75 2.31 -17.51
C TYR B 108 28.65 3.23 -18.02
N ASP B 109 28.96 4.53 -18.09
CA ASP B 109 28.01 5.52 -18.60
C ASP B 109 26.69 5.48 -17.83
N GLY B 110 26.79 5.31 -16.52
CA GLY B 110 25.61 5.31 -15.66
C GLY B 110 24.83 4.02 -15.63
N HIS B 111 25.38 2.96 -16.21
CA HIS B 111 24.74 1.66 -16.21
C HIS B 111 25.19 0.81 -15.02
N LEU B 112 24.26 0.14 -14.38
CA LEU B 112 24.54 -0.65 -13.18
C LEU B 112 25.26 -1.96 -13.48
N PRO B 113 26.50 -2.11 -12.97
CA PRO B 113 27.29 -3.33 -13.09
C PRO B 113 26.73 -4.45 -12.20
N ILE B 114 25.51 -4.88 -12.50
CA ILE B 114 24.83 -5.90 -11.71
C ILE B 114 24.25 -6.99 -12.61
N GLU B 115 24.26 -8.23 -12.13
CA GLU B 115 23.60 -9.31 -12.85
C GLU B 115 22.51 -9.90 -11.98
N ILE B 116 21.32 -10.04 -12.54
CA ILE B 116 20.18 -10.57 -11.82
C ILE B 116 19.63 -11.80 -12.54
N LYS B 117 19.58 -12.91 -11.82
CA LYS B 117 19.00 -14.14 -12.35
C LYS B 117 17.68 -14.41 -11.66
N ALA B 118 16.67 -14.82 -12.41
CA ALA B 118 15.33 -14.98 -11.84
C ALA B 118 14.53 -16.13 -12.46
N VAL B 119 13.66 -16.72 -11.65
CA VAL B 119 12.68 -17.69 -12.12
C VAL B 119 11.70 -16.95 -13.03
N PRO B 120 11.29 -17.58 -14.15
CA PRO B 120 10.36 -16.93 -15.09
C PRO B 120 9.09 -16.39 -14.42
N GLU B 121 8.68 -15.19 -14.80
CA GLU B 121 7.48 -14.59 -14.21
C GLU B 121 6.23 -15.41 -14.51
N GLY B 122 5.36 -15.53 -13.52
CA GLY B 122 4.17 -16.33 -13.64
C GLY B 122 4.31 -17.69 -12.96
N PHE B 123 5.56 -18.13 -12.81
CA PHE B 123 5.87 -19.41 -12.18
C PHE B 123 5.29 -19.53 -10.77
N VAL B 124 4.72 -20.69 -10.48
CA VAL B 124 4.19 -20.97 -9.14
C VAL B 124 5.16 -21.86 -8.36
N ILE B 125 5.89 -21.25 -7.43
CA ILE B 125 6.96 -21.90 -6.73
C ILE B 125 6.62 -22.05 -5.25
N PRO B 126 6.87 -23.24 -4.67
CA PRO B 126 6.63 -23.45 -3.24
C PRO B 126 7.56 -22.60 -2.38
N ARG B 127 7.11 -22.27 -1.17
CA ARG B 127 7.87 -21.44 -0.23
C ARG B 127 9.29 -21.98 0.02
N GLY B 128 10.20 -21.10 0.41
CA GLY B 128 11.53 -21.51 0.80
C GLY B 128 12.49 -21.71 -0.35
N ASN B 129 12.06 -21.35 -1.57
CA ASN B 129 12.94 -21.46 -2.73
C ASN B 129 13.49 -20.11 -3.17
N VAL B 130 14.63 -20.14 -3.86
CA VAL B 130 15.22 -18.93 -4.40
C VAL B 130 14.44 -18.46 -5.62
N LEU B 131 13.96 -17.22 -5.57
CA LEU B 131 13.17 -16.67 -6.67
C LEU B 131 14.05 -15.86 -7.61
N PHE B 132 14.94 -15.06 -7.03
CA PHE B 132 15.98 -14.41 -7.82
C PHE B 132 17.24 -14.14 -7.00
N THR B 133 18.35 -13.87 -7.69
CA THR B 133 19.63 -13.57 -7.05
C THR B 133 20.21 -12.27 -7.59
N VAL B 134 21.03 -11.60 -6.79
CA VAL B 134 21.65 -10.35 -7.21
C VAL B 134 23.13 -10.35 -6.86
N GLU B 135 23.96 -9.91 -7.80
CA GLU B 135 25.40 -9.80 -7.57
C GLU B 135 26.04 -8.72 -8.43
N ASN B 136 27.16 -8.19 -7.96
CA ASN B 136 27.91 -7.20 -8.72
C ASN B 136 28.79 -7.84 -9.78
N THR B 137 28.99 -7.15 -10.89
CA THR B 137 29.81 -7.67 -11.97
C THR B 137 31.13 -6.89 -12.09
N ASP B 138 31.40 -6.07 -11.09
CA ASP B 138 32.63 -5.30 -11.02
C ASP B 138 33.08 -5.25 -9.56
N PRO B 139 34.34 -5.64 -9.29
CA PRO B 139 34.90 -5.63 -7.93
C PRO B 139 34.74 -4.29 -7.22
N GLU B 140 34.82 -3.21 -7.97
CA GLU B 140 34.68 -1.87 -7.41
C GLU B 140 33.29 -1.64 -6.82
N CYS B 141 32.29 -2.29 -7.41
CA CYS B 141 30.91 -2.06 -7.02
C CYS B 141 30.33 -3.19 -6.18
N TYR B 142 31.18 -3.74 -5.30
CA TYR B 142 30.77 -4.74 -4.32
C TYR B 142 29.59 -4.25 -3.49
N TRP B 143 29.57 -2.95 -3.22
CA TRP B 143 28.57 -2.33 -2.38
C TRP B 143 27.22 -2.15 -3.09
N LEU B 144 27.24 -2.30 -4.41
CA LEU B 144 26.07 -1.99 -5.22
C LEU B 144 24.94 -3.02 -5.06
N THR B 145 25.32 -4.27 -4.81
CA THR B 145 24.36 -5.36 -4.67
C THR B 145 23.24 -5.06 -3.68
N ASN B 146 23.60 -4.73 -2.44
CA ASN B 146 22.60 -4.47 -1.42
C ASN B 146 22.06 -3.04 -1.40
N TRP B 147 22.65 -2.16 -2.19
CA TRP B 147 22.13 -0.81 -2.34
C TRP B 147 20.72 -0.89 -2.94
N ILE B 148 20.56 -1.78 -3.91
CA ILE B 148 19.31 -1.94 -4.61
C ILE B 148 18.44 -3.01 -3.97
N GLU B 149 18.68 -3.30 -2.70
CA GLU B 149 17.83 -4.24 -1.98
C GLU B 149 16.42 -3.68 -1.83
N THR B 150 16.34 -2.47 -1.28
CA THR B 150 15.06 -1.83 -0.94
C THR B 150 14.11 -1.80 -2.13
N ILE B 151 14.64 -1.39 -3.28
CA ILE B 151 13.82 -1.27 -4.48
C ILE B 151 13.35 -2.62 -5.01
N LEU B 152 14.19 -3.65 -4.89
CA LEU B 152 13.88 -4.97 -5.40
C LEU B 152 12.92 -5.73 -4.48
N VAL B 153 13.03 -5.46 -3.18
CA VAL B 153 12.20 -6.12 -2.18
C VAL B 153 10.73 -5.76 -2.36
N GLN B 154 10.48 -4.59 -2.94
CA GLN B 154 9.10 -4.15 -3.20
C GLN B 154 8.33 -5.05 -4.18
N SER B 155 9.04 -6.01 -4.75
N SER B 155 9.02 -6.03 -4.75
CA SER B 155 8.43 -7.05 -5.59
CA SER B 155 8.36 -7.00 -5.59
C SER B 155 7.51 -7.92 -4.73
C SER B 155 7.48 -7.90 -4.74
N TRP B 156 7.65 -7.79 -3.42
CA TRP B 156 6.84 -8.56 -2.47
C TRP B 156 5.36 -8.30 -2.71
N TYR B 157 5.04 -7.09 -3.15
CA TYR B 157 3.66 -6.66 -3.31
C TYR B 157 2.98 -7.24 -4.56
N PRO B 158 3.59 -7.08 -5.75
CA PRO B 158 2.95 -7.75 -6.89
C PRO B 158 2.94 -9.26 -6.74
N ILE B 159 3.92 -9.82 -6.03
CA ILE B 159 3.97 -11.25 -5.78
C ILE B 159 2.84 -11.69 -4.84
N THR B 160 2.60 -10.90 -3.79
CA THR B 160 1.60 -11.25 -2.79
C THR B 160 0.18 -11.08 -3.31
N VAL B 161 -0.06 -10.02 -4.08
CA VAL B 161 -1.38 -9.79 -4.66
C VAL B 161 -1.70 -10.90 -5.64
N ALA B 162 -0.73 -11.21 -6.50
CA ALA B 162 -0.88 -12.29 -7.48
C ALA B 162 -1.19 -13.61 -6.81
N THR B 163 -0.47 -13.90 -5.73
CA THR B 163 -0.62 -15.15 -5.01
C THR B 163 -1.98 -15.24 -4.30
N ASN B 164 -2.31 -14.21 -3.54
CA ASN B 164 -3.56 -14.17 -2.79
C ASN B 164 -4.78 -14.14 -3.71
N SER B 165 -4.64 -13.47 -4.86
CA SER B 165 -5.70 -13.46 -5.84
C SER B 165 -5.88 -14.84 -6.46
N ARG B 166 -4.77 -15.54 -6.66
CA ARG B 166 -4.80 -16.87 -7.26
C ARG B 166 -5.38 -17.89 -6.29
N GLU B 167 -5.04 -17.75 -5.01
CA GLU B 167 -5.59 -18.62 -3.98
C GLU B 167 -7.10 -18.51 -3.90
N GLN B 168 -7.60 -17.29 -4.09
CA GLN B 168 -9.04 -17.06 -4.07
C GLN B 168 -9.69 -17.68 -5.30
N LYS B 169 -8.97 -17.67 -6.40
CA LYS B 169 -9.43 -18.26 -7.65
C LYS B 169 -9.62 -19.77 -7.49
N LYS B 170 -8.74 -20.40 -6.71
CA LYS B 170 -8.85 -21.83 -6.41
C LYS B 170 -10.15 -22.14 -5.69
N ILE B 171 -10.47 -21.31 -4.70
CA ILE B 171 -11.68 -21.46 -3.91
C ILE B 171 -12.93 -21.36 -4.78
N LEU B 172 -12.97 -20.33 -5.61
CA LEU B 172 -14.09 -20.13 -6.52
C LEU B 172 -14.18 -21.28 -7.50
N ALA B 173 -13.03 -21.76 -7.96
CA ALA B 173 -12.98 -22.85 -8.94
C ALA B 173 -13.61 -24.13 -8.38
N LYS B 174 -13.22 -24.50 -7.17
CA LYS B 174 -13.72 -25.71 -6.52
C LYS B 174 -15.24 -25.72 -6.40
N TYR B 175 -15.80 -24.64 -5.87
CA TYR B 175 -17.23 -24.57 -5.63
C TYR B 175 -18.05 -24.37 -6.91
N LEU B 176 -17.49 -23.63 -7.87
CA LEU B 176 -18.14 -23.47 -9.16
C LEU B 176 -18.24 -24.82 -9.87
N LEU B 177 -17.12 -25.54 -9.93
CA LEU B 177 -17.07 -26.86 -10.56
C LEU B 177 -17.98 -27.83 -9.84
N GLU B 178 -18.11 -27.68 -8.53
CA GLU B 178 -18.93 -28.59 -7.74
C GLU B 178 -20.42 -28.32 -7.89
N THR B 179 -20.78 -27.05 -8.13
CA THR B 179 -22.19 -26.69 -8.21
C THR B 179 -22.69 -26.49 -9.66
N SER B 180 -21.77 -26.27 -10.59
CA SER B 180 -22.17 -26.03 -11.99
C SER B 180 -21.66 -27.11 -12.94
N GLY B 181 -20.57 -27.77 -12.56
CA GLY B 181 -20.02 -28.85 -13.37
C GLY B 181 -18.93 -28.39 -14.32
N ASN B 182 -18.69 -27.09 -14.36
CA ASN B 182 -17.64 -26.53 -15.21
C ASN B 182 -16.96 -25.30 -14.57
N LEU B 183 -16.06 -24.68 -15.33
CA LEU B 183 -15.33 -23.52 -14.86
C LEU B 183 -15.65 -22.28 -15.68
N ASP B 184 -16.81 -22.29 -16.33
CA ASP B 184 -17.21 -21.17 -17.17
C ASP B 184 -17.45 -19.89 -16.36
N GLY B 185 -16.81 -18.81 -16.79
CA GLY B 185 -16.99 -17.51 -16.16
C GLY B 185 -16.15 -17.33 -14.92
N LEU B 186 -15.24 -18.27 -14.67
CA LEU B 186 -14.40 -18.25 -13.48
C LEU B 186 -13.54 -17.00 -13.43
N GLU B 187 -12.89 -16.69 -14.55
N GLU B 187 -12.88 -16.68 -14.54
CA GLU B 187 -11.96 -15.56 -14.64
CA GLU B 187 -11.95 -15.57 -14.59
C GLU B 187 -12.63 -14.19 -14.49
C GLU B 187 -12.65 -14.20 -14.58
N TYR B 188 -13.92 -14.19 -14.22
CA TYR B 188 -14.68 -12.95 -14.07
C TYR B 188 -15.42 -12.88 -12.74
N LYS B 189 -15.11 -13.80 -11.83
CA LYS B 189 -15.86 -13.90 -10.58
C LYS B 189 -15.22 -13.19 -9.39
N LEU B 190 -14.07 -12.56 -9.61
CA LEU B 190 -13.44 -11.73 -8.60
C LEU B 190 -13.03 -10.39 -9.20
N HIS B 191 -13.86 -9.37 -9.00
CA HIS B 191 -13.64 -8.08 -9.64
C HIS B 191 -12.85 -7.12 -8.75
N ASP B 192 -11.94 -6.38 -9.36
CA ASP B 192 -11.09 -5.43 -8.65
C ASP B 192 -11.83 -4.13 -8.34
N PHE B 193 -11.97 -3.82 -7.05
CA PHE B 193 -12.59 -2.57 -6.61
C PHE B 193 -11.60 -1.71 -5.84
N GLY B 194 -10.33 -2.10 -5.86
CA GLY B 194 -9.37 -1.56 -4.92
C GLY B 194 -8.71 -0.24 -5.26
N TYR B 195 -9.07 0.36 -6.39
CA TYR B 195 -8.40 1.58 -6.85
C TYR B 195 -8.38 2.69 -5.80
N ARG B 196 -9.51 2.93 -5.15
CA ARG B 196 -9.60 3.98 -4.14
C ARG B 196 -9.04 3.51 -2.81
N GLY B 197 -8.92 2.19 -2.66
CA GLY B 197 -8.54 1.60 -1.39
C GLY B 197 -7.05 1.37 -1.22
N VAL B 198 -6.25 1.84 -2.17
CA VAL B 198 -4.81 1.65 -2.11
C VAL B 198 -4.08 2.92 -1.67
N SER B 199 -2.76 2.78 -1.48
CA SER B 199 -1.95 3.85 -0.91
C SER B 199 -1.47 4.87 -1.94
N SER B 200 -1.58 4.53 -3.23
CA SER B 200 -1.16 5.46 -4.30
C SER B 200 -1.57 4.99 -5.68
N GLN B 201 -1.31 5.85 -6.68
CA GLN B 201 -1.60 5.54 -8.06
C GLN B 201 -0.72 4.41 -8.57
N GLU B 202 0.59 4.52 -8.31
CA GLU B 202 1.56 3.54 -8.75
C GLU B 202 1.22 2.15 -8.21
N THR B 203 0.85 2.11 -6.93
CA THR B 203 0.45 0.87 -6.28
C THR B 203 -0.77 0.26 -6.98
N ALA B 204 -1.72 1.12 -7.32
CA ALA B 204 -2.95 0.68 -7.99
C ALA B 204 -2.63 -0.06 -9.28
N GLY B 205 -1.77 0.52 -10.10
CA GLY B 205 -1.38 -0.09 -11.35
C GLY B 205 -0.67 -1.42 -11.12
N ILE B 206 0.24 -1.43 -10.15
N ILE B 206 0.24 -1.44 -10.15
CA ILE B 206 0.98 -2.64 -9.80
CA ILE B 206 0.98 -2.65 -9.82
C ILE B 206 0.06 -3.73 -9.27
C ILE B 206 0.09 -3.74 -9.25
N GLY B 207 -0.75 -3.38 -8.28
CA GLY B 207 -1.65 -4.33 -7.66
C GLY B 207 -2.69 -4.89 -8.62
N ALA B 208 -3.28 -4.03 -9.45
CA ALA B 208 -4.28 -4.46 -10.40
C ALA B 208 -3.69 -5.40 -11.45
N SER B 209 -2.47 -5.11 -11.89
CA SER B 209 -1.79 -5.96 -12.86
C SER B 209 -1.50 -7.33 -12.26
N ALA B 210 -1.14 -7.35 -10.97
CA ALA B 210 -0.91 -8.60 -10.25
C ALA B 210 -2.20 -9.41 -10.14
N HIS B 211 -3.33 -8.70 -10.04
CA HIS B 211 -4.63 -9.35 -10.01
C HIS B 211 -5.00 -9.88 -11.40
N LEU B 212 -4.66 -9.12 -12.43
CA LEU B 212 -5.03 -9.49 -13.80
C LEU B 212 -4.28 -10.72 -14.31
N VAL B 213 -3.34 -11.21 -13.51
CA VAL B 213 -2.65 -12.46 -13.82
C VAL B 213 -3.61 -13.65 -13.70
N ASN B 214 -4.58 -13.52 -12.80
CA ASN B 214 -5.51 -14.61 -12.52
C ASN B 214 -6.93 -14.36 -13.01
N PHE B 215 -7.30 -13.09 -13.14
CA PHE B 215 -8.66 -12.73 -13.55
C PHE B 215 -8.64 -11.69 -14.66
N LYS B 216 -9.81 -11.40 -15.21
CA LYS B 216 -9.94 -10.41 -16.27
C LYS B 216 -10.87 -9.25 -15.91
N GLY B 217 -11.49 -9.33 -14.73
CA GLY B 217 -12.42 -8.29 -14.31
C GLY B 217 -11.79 -7.29 -13.37
N THR B 218 -11.70 -6.04 -13.83
CA THR B 218 -11.08 -4.99 -13.03
C THR B 218 -11.78 -3.64 -13.23
N ASP B 219 -11.72 -2.81 -12.20
CA ASP B 219 -12.19 -1.43 -12.29
C ASP B 219 -11.02 -0.47 -12.09
N THR B 220 -9.88 -1.04 -11.70
CA THR B 220 -8.68 -0.26 -11.50
C THR B 220 -7.99 -0.06 -12.85
N VAL B 221 -8.40 1.00 -13.55
CA VAL B 221 -7.92 1.31 -14.90
C VAL B 221 -6.40 1.33 -15.01
N ALA B 222 -5.75 1.94 -14.03
CA ALA B 222 -4.30 2.16 -14.05
C ALA B 222 -3.45 0.91 -14.36
N GLY B 223 -3.97 -0.25 -14.01
CA GLY B 223 -3.27 -1.50 -14.24
C GLY B 223 -3.18 -1.88 -15.71
N LEU B 224 -4.15 -1.45 -16.50
CA LEU B 224 -4.19 -1.78 -17.92
C LEU B 224 -2.98 -1.19 -18.67
N ALA B 225 -2.65 0.06 -18.37
CA ALA B 225 -1.54 0.74 -19.03
C ALA B 225 -0.18 0.25 -18.55
N LEU B 226 -0.13 -0.26 -17.33
CA LEU B 226 1.10 -0.83 -16.79
C LEU B 226 1.48 -2.07 -17.58
N ILE B 227 0.48 -2.89 -17.86
CA ILE B 227 0.67 -4.16 -18.53
C ILE B 227 1.10 -3.98 -19.99
N LYS B 228 0.45 -3.05 -20.68
CA LYS B 228 0.76 -2.76 -22.07
C LYS B 228 2.22 -2.32 -22.24
N LYS B 229 2.68 -1.49 -21.32
CA LYS B 229 4.01 -0.88 -21.43
C LYS B 229 5.14 -1.82 -21.01
N TYR B 230 4.90 -2.64 -19.98
CA TYR B 230 5.96 -3.44 -19.39
C TYR B 230 5.85 -4.95 -19.69
N TYR B 231 4.67 -5.42 -20.08
CA TYR B 231 4.47 -6.85 -20.31
C TYR B 231 3.84 -7.18 -21.66
N GLY B 232 2.74 -6.50 -21.99
CA GLY B 232 2.09 -6.66 -23.29
C GLY B 232 1.18 -7.87 -23.40
N THR B 233 0.06 -7.69 -24.09
CA THR B 233 -0.86 -8.79 -24.37
C THR B 233 -1.25 -8.80 -25.85
N LYS B 234 -1.69 -9.96 -26.33
CA LYS B 234 -2.17 -10.09 -27.70
C LYS B 234 -3.46 -9.29 -27.89
N ASP B 235 -4.37 -9.43 -26.94
CA ASP B 235 -5.60 -8.65 -26.93
C ASP B 235 -5.28 -7.17 -26.71
N PRO B 236 -6.21 -6.29 -27.13
CA PRO B 236 -6.08 -4.85 -26.88
C PRO B 236 -5.90 -4.54 -25.40
N VAL B 237 -6.74 -5.13 -24.55
CA VAL B 237 -6.67 -4.91 -23.12
C VAL B 237 -6.71 -6.23 -22.35
N PRO B 238 -6.04 -6.29 -21.19
CA PRO B 238 -6.02 -7.47 -20.34
C PRO B 238 -7.18 -7.52 -19.34
N GLY B 239 -7.97 -6.45 -19.27
CA GLY B 239 -9.06 -6.39 -18.30
C GLY B 239 -10.31 -5.74 -18.83
N TYR B 240 -11.45 -6.13 -18.26
CA TYR B 240 -12.75 -5.66 -18.74
C TYR B 240 -13.68 -5.21 -17.62
N SER B 241 -14.69 -4.43 -17.99
CA SER B 241 -15.71 -3.99 -17.05
C SER B 241 -17.04 -3.71 -17.75
N VAL B 242 -18.12 -3.71 -16.97
CA VAL B 242 -19.45 -3.41 -17.49
C VAL B 242 -19.96 -2.13 -16.83
N PRO B 243 -20.94 -1.47 -17.48
CA PRO B 243 -21.54 -0.29 -16.84
C PRO B 243 -22.21 -0.65 -15.51
N ALA B 244 -22.04 0.22 -14.52
CA ALA B 244 -22.63 -0.04 -13.22
C ALA B 244 -22.89 1.26 -12.46
N ALA B 245 -23.69 1.17 -11.39
CA ALA B 245 -24.04 2.33 -10.60
C ALA B 245 -23.24 2.42 -9.30
N GLU B 246 -23.17 3.62 -8.76
CA GLU B 246 -22.67 3.82 -7.40
C GLU B 246 -23.81 4.39 -6.58
N HIS B 247 -23.59 4.61 -5.30
CA HIS B 247 -24.65 5.13 -4.43
C HIS B 247 -25.09 6.53 -4.83
N SER B 248 -24.16 7.34 -5.36
CA SER B 248 -24.48 8.71 -5.73
C SER B 248 -25.42 8.79 -6.94
N THR B 249 -25.34 7.83 -7.85
CA THR B 249 -26.21 7.85 -9.03
C THR B 249 -27.61 7.32 -8.69
N ILE B 250 -27.75 6.73 -7.51
CA ILE B 250 -29.06 6.31 -7.01
C ILE B 250 -29.65 7.34 -6.05
N THR B 251 -28.85 7.78 -5.09
CA THR B 251 -29.34 8.67 -4.04
C THR B 251 -29.60 10.10 -4.51
N ALA B 252 -29.08 10.46 -5.68
CA ALA B 252 -29.24 11.81 -6.20
C ALA B 252 -30.66 12.07 -6.70
N TRP B 253 -31.45 11.00 -6.83
CA TRP B 253 -32.82 11.11 -7.30
C TRP B 253 -33.78 11.41 -6.15
N GLY B 254 -33.26 11.37 -4.92
CA GLY B 254 -34.08 11.54 -3.75
C GLY B 254 -34.56 10.20 -3.22
N LYS B 255 -34.72 10.09 -1.90
CA LYS B 255 -35.07 8.82 -1.26
C LYS B 255 -36.39 8.24 -1.77
N ASP B 256 -37.31 9.10 -2.17
CA ASP B 256 -38.62 8.66 -2.63
C ASP B 256 -38.61 8.19 -4.08
N HIS B 257 -37.46 8.30 -4.75
CA HIS B 257 -37.38 7.99 -6.17
C HIS B 257 -36.33 6.94 -6.54
N GLU B 258 -36.10 5.98 -5.64
CA GLU B 258 -35.11 4.94 -5.92
C GLU B 258 -35.55 4.06 -7.09
N LYS B 259 -36.86 3.88 -7.24
CA LYS B 259 -37.41 3.11 -8.34
C LYS B 259 -37.18 3.83 -9.67
N ASP B 260 -37.26 5.15 -9.64
CA ASP B 260 -37.05 5.95 -10.85
C ASP B 260 -35.61 5.83 -11.34
N ALA B 261 -34.68 5.81 -10.39
CA ALA B 261 -33.27 5.70 -10.72
C ALA B 261 -32.96 4.34 -11.34
N PHE B 262 -33.42 3.28 -10.68
CA PHE B 262 -33.25 1.92 -11.17
C PHE B 262 -33.74 1.79 -12.61
N GLU B 263 -34.93 2.30 -12.86
CA GLU B 263 -35.57 2.20 -14.16
C GLU B 263 -34.80 2.97 -15.23
N HIS B 264 -34.37 4.18 -14.88
CA HIS B 264 -33.62 5.02 -15.80
C HIS B 264 -32.31 4.33 -16.18
N ILE B 265 -31.65 3.76 -15.18
CA ILE B 265 -30.35 3.14 -15.37
C ILE B 265 -30.39 1.89 -16.24
N VAL B 266 -31.31 0.97 -15.93
CA VAL B 266 -31.43 -0.25 -16.72
C VAL B 266 -31.93 0.03 -18.14
N THR B 267 -32.66 1.13 -18.32
CA THR B 267 -33.16 1.53 -19.62
C THR B 267 -32.05 2.11 -20.48
N GLN B 268 -31.15 2.87 -19.85
CA GLN B 268 -29.99 3.42 -20.55
C GLN B 268 -29.10 2.29 -21.07
N PHE B 269 -28.85 1.31 -20.20
CA PHE B 269 -28.03 0.16 -20.57
C PHE B 269 -28.90 -1.08 -20.72
N SER B 270 -29.81 -1.03 -21.69
CA SER B 270 -30.78 -2.10 -21.87
C SER B 270 -30.20 -3.27 -22.66
N SER B 271 -29.11 -3.02 -23.37
CA SER B 271 -28.54 -4.02 -24.27
C SER B 271 -27.13 -4.46 -23.88
N VAL B 272 -26.61 -3.88 -22.81
CA VAL B 272 -25.32 -4.29 -22.27
C VAL B 272 -25.49 -4.68 -20.80
N PRO B 273 -24.60 -5.55 -20.28
CA PRO B 273 -24.69 -5.93 -18.86
C PRO B 273 -24.63 -4.71 -17.95
N VAL B 274 -25.51 -4.65 -16.97
CA VAL B 274 -25.55 -3.53 -16.05
C VAL B 274 -25.68 -4.00 -14.60
N SER B 275 -24.92 -3.37 -13.71
CA SER B 275 -24.98 -3.67 -12.29
C SER B 275 -25.50 -2.48 -11.50
N VAL B 276 -26.47 -2.73 -10.63
CA VAL B 276 -27.11 -1.65 -9.89
C VAL B 276 -27.06 -1.91 -8.38
N VAL B 277 -26.29 -1.10 -7.67
CA VAL B 277 -26.23 -1.19 -6.22
C VAL B 277 -27.61 -0.85 -5.65
N SER B 278 -28.11 -1.71 -4.78
CA SER B 278 -29.50 -1.64 -4.37
C SER B 278 -29.70 -1.62 -2.85
N ASP B 279 -28.73 -1.07 -2.12
CA ASP B 279 -28.79 -1.09 -0.67
C ASP B 279 -28.76 0.32 -0.06
N SER B 280 -28.97 1.33 -0.90
CA SER B 280 -28.97 2.72 -0.47
C SER B 280 -29.86 2.94 0.75
N TYR B 281 -31.01 2.30 0.76
CA TYR B 281 -31.97 2.46 1.85
C TYR B 281 -32.36 1.11 2.42
N ASP B 282 -32.85 0.23 1.56
CA ASP B 282 -33.35 -1.08 1.98
C ASP B 282 -33.13 -2.11 0.89
N ILE B 283 -32.08 -2.92 1.07
CA ILE B 283 -31.71 -3.91 0.07
C ILE B 283 -32.81 -4.93 -0.19
N TYR B 284 -33.48 -5.37 0.88
CA TYR B 284 -34.47 -6.42 0.77
C TYR B 284 -35.79 -5.91 0.19
N ASN B 285 -36.03 -4.62 0.34
CA ASN B 285 -37.20 -4.00 -0.26
C ASN B 285 -37.03 -3.82 -1.76
N ALA B 286 -35.85 -3.37 -2.17
CA ALA B 286 -35.56 -3.12 -3.58
C ALA B 286 -35.57 -4.42 -4.38
N CYS B 287 -35.14 -5.50 -3.75
CA CYS B 287 -35.11 -6.80 -4.41
C CYS B 287 -36.50 -7.41 -4.54
N GLU B 288 -37.31 -7.27 -3.50
CA GLU B 288 -38.62 -7.92 -3.48
C GLU B 288 -39.73 -7.06 -4.10
N LYS B 289 -39.68 -5.75 -3.89
CA LYS B 289 -40.74 -4.88 -4.35
C LYS B 289 -40.41 -4.10 -5.63
N ILE B 290 -39.19 -3.60 -5.74
CA ILE B 290 -38.82 -2.80 -6.91
C ILE B 290 -38.39 -3.65 -8.11
N TRP B 291 -37.32 -4.42 -7.94
CA TRP B 291 -36.90 -5.33 -9.00
C TRP B 291 -37.91 -6.46 -9.17
N GLY B 292 -38.44 -6.93 -8.04
CA GLY B 292 -39.29 -8.11 -8.03
C GLY B 292 -40.74 -7.88 -8.41
N GLU B 293 -41.18 -6.63 -8.33
CA GLU B 293 -42.58 -6.31 -8.64
C GLU B 293 -42.73 -5.12 -9.59
N ASP B 294 -42.26 -3.95 -9.15
CA ASP B 294 -42.43 -2.73 -9.93
C ASP B 294 -41.75 -2.78 -11.29
N LEU B 295 -40.51 -3.26 -11.31
CA LEU B 295 -39.70 -3.22 -12.52
C LEU B 295 -39.42 -4.59 -13.09
N ARG B 296 -40.13 -5.60 -12.60
CA ARG B 296 -39.95 -6.98 -13.03
C ARG B 296 -40.09 -7.14 -14.55
N HIS B 297 -40.96 -6.33 -15.15
CA HIS B 297 -41.22 -6.39 -16.58
C HIS B 297 -40.04 -5.88 -17.41
N LEU B 298 -39.14 -5.13 -16.77
CA LEU B 298 -37.98 -4.60 -17.45
C LEU B 298 -36.77 -5.53 -17.29
N ILE B 299 -36.93 -6.54 -16.44
CA ILE B 299 -35.82 -7.44 -16.14
C ILE B 299 -35.91 -8.73 -16.96
N VAL B 300 -37.09 -9.36 -16.99
CA VAL B 300 -37.26 -10.64 -17.67
C VAL B 300 -37.17 -10.51 -19.19
N SER B 301 -37.18 -9.27 -19.69
CA SER B 301 -37.08 -9.02 -21.12
C SER B 301 -35.63 -8.87 -21.58
N ARG B 302 -34.73 -8.66 -20.63
CA ARG B 302 -33.32 -8.43 -20.95
C ARG B 302 -32.65 -9.67 -21.56
N SER B 303 -31.62 -9.42 -22.38
CA SER B 303 -30.91 -10.49 -23.07
C SER B 303 -29.98 -11.27 -22.14
N THR B 304 -29.66 -12.49 -22.52
CA THR B 304 -28.72 -13.32 -21.79
C THR B 304 -27.32 -12.71 -21.84
N GLN B 305 -27.08 -11.92 -22.88
CA GLN B 305 -25.81 -11.21 -23.03
C GLN B 305 -25.83 -9.89 -22.26
N ALA B 306 -26.99 -9.53 -21.73
CA ALA B 306 -27.13 -8.27 -20.99
C ALA B 306 -28.01 -8.41 -19.74
N PRO B 307 -27.55 -9.18 -18.75
CA PRO B 307 -28.36 -9.39 -17.55
C PRO B 307 -28.31 -8.20 -16.60
N LEU B 308 -29.35 -8.04 -15.79
CA LEU B 308 -29.28 -7.13 -14.66
C LEU B 308 -28.47 -7.81 -13.58
N ILE B 309 -27.48 -7.10 -13.04
CA ILE B 309 -26.70 -7.63 -11.94
C ILE B 309 -27.03 -6.84 -10.67
N ILE B 310 -27.61 -7.54 -9.70
CA ILE B 310 -28.01 -6.92 -8.45
C ILE B 310 -26.84 -6.89 -7.48
N ARG B 311 -26.60 -5.72 -6.90
CA ARG B 311 -25.45 -5.53 -6.03
C ARG B 311 -25.83 -5.06 -4.64
N PRO B 312 -25.85 -5.99 -3.67
CA PRO B 312 -25.90 -5.60 -2.25
C PRO B 312 -24.54 -5.06 -1.84
N ASP B 313 -24.50 -4.20 -0.83
CA ASP B 313 -23.25 -3.53 -0.46
C ASP B 313 -23.17 -3.27 1.05
N SER B 314 -23.89 -4.05 1.85
CA SER B 314 -23.88 -3.85 3.30
C SER B 314 -24.43 -5.05 4.07
N GLY B 315 -24.27 -5.01 5.39
CA GLY B 315 -24.73 -6.07 6.26
C GLY B 315 -23.78 -7.24 6.29
N ASN B 316 -24.16 -8.31 6.98
CA ASN B 316 -23.37 -9.53 6.99
C ASN B 316 -23.29 -10.10 5.58
N PRO B 317 -22.08 -10.18 5.01
CA PRO B 317 -21.85 -10.64 3.64
C PRO B 317 -22.58 -11.94 3.28
N LEU B 318 -22.36 -12.99 4.04
CA LEU B 318 -23.01 -14.27 3.76
C LEU B 318 -24.53 -14.20 3.96
N ASP B 319 -24.96 -13.67 5.10
CA ASP B 319 -26.37 -13.57 5.43
C ASP B 319 -27.13 -12.76 4.38
N THR B 320 -26.55 -11.66 3.94
CA THR B 320 -27.17 -10.81 2.94
C THR B 320 -27.32 -11.54 1.61
N VAL B 321 -26.24 -12.16 1.16
CA VAL B 321 -26.24 -12.90 -0.10
C VAL B 321 -27.32 -13.99 -0.12
N LEU B 322 -27.43 -14.72 0.98
CA LEU B 322 -28.43 -15.78 1.09
C LEU B 322 -29.85 -15.25 1.02
N LYS B 323 -30.14 -14.21 1.79
CA LYS B 323 -31.49 -13.63 1.83
C LYS B 323 -31.87 -13.00 0.50
N VAL B 324 -30.92 -12.32 -0.14
CA VAL B 324 -31.13 -11.75 -1.47
C VAL B 324 -31.51 -12.84 -2.47
N LEU B 325 -30.73 -13.92 -2.50
CA LEU B 325 -30.98 -15.04 -3.40
C LEU B 325 -32.34 -15.71 -3.13
N GLU B 326 -32.68 -15.84 -1.85
CA GLU B 326 -33.97 -16.44 -1.48
C GLU B 326 -35.13 -15.55 -1.89
N ILE B 327 -34.93 -14.24 -1.83
CA ILE B 327 -35.95 -13.29 -2.26
C ILE B 327 -36.18 -13.38 -3.77
N LEU B 328 -35.10 -13.31 -4.53
CA LEU B 328 -35.19 -13.32 -5.99
C LEU B 328 -35.72 -14.64 -6.51
N GLY B 329 -35.39 -15.72 -5.83
CA GLY B 329 -35.83 -17.04 -6.23
C GLY B 329 -37.34 -17.20 -6.16
N LYS B 330 -37.98 -16.34 -5.38
CA LYS B 330 -39.43 -16.38 -5.22
C LYS B 330 -40.14 -15.36 -6.10
N LYS B 331 -39.39 -14.38 -6.59
CA LYS B 331 -39.97 -13.40 -7.50
C LYS B 331 -39.61 -13.73 -8.96
N PHE B 332 -38.63 -14.61 -9.14
CA PHE B 332 -38.14 -14.94 -10.47
C PHE B 332 -38.13 -16.45 -10.73
N PRO B 333 -38.25 -16.85 -12.00
CA PRO B 333 -38.25 -18.27 -12.36
C PRO B 333 -36.89 -18.91 -12.10
N VAL B 334 -36.77 -19.67 -11.02
CA VAL B 334 -35.51 -20.31 -10.71
C VAL B 334 -35.45 -21.72 -11.30
N THR B 335 -34.31 -22.05 -11.88
CA THR B 335 -34.10 -23.36 -12.48
C THR B 335 -33.11 -24.18 -11.66
N GLU B 336 -33.14 -25.50 -11.83
CA GLU B 336 -32.23 -26.39 -11.14
C GLU B 336 -31.31 -27.07 -12.13
N ASN B 337 -30.01 -26.78 -12.03
CA ASN B 337 -29.04 -27.34 -12.96
C ASN B 337 -28.82 -28.83 -12.77
N SER B 338 -27.94 -29.40 -13.59
CA SER B 338 -27.72 -30.85 -13.61
C SER B 338 -27.10 -31.36 -12.30
N LYS B 339 -26.39 -30.49 -11.60
CA LYS B 339 -25.74 -30.88 -10.36
C LYS B 339 -26.68 -30.72 -9.17
N GLY B 340 -27.90 -30.28 -9.44
CA GLY B 340 -28.93 -30.16 -8.41
C GLY B 340 -28.95 -28.81 -7.71
N TYR B 341 -28.21 -27.85 -8.26
CA TYR B 341 -28.12 -26.54 -7.64
C TYR B 341 -28.97 -25.49 -8.34
N LYS B 342 -29.60 -24.63 -7.56
CA LYS B 342 -30.53 -23.64 -8.07
C LYS B 342 -29.83 -22.53 -8.84
N LEU B 343 -30.50 -22.02 -9.88
CA LEU B 343 -29.92 -21.02 -10.77
C LEU B 343 -30.95 -19.98 -11.17
N LEU B 344 -30.55 -18.71 -11.11
CA LEU B 344 -31.41 -17.60 -11.54
C LEU B 344 -31.59 -17.68 -13.04
N PRO B 345 -32.65 -17.04 -13.57
CA PRO B 345 -32.77 -16.93 -15.02
C PRO B 345 -31.61 -16.11 -15.59
N PRO B 346 -31.19 -16.41 -16.82
CA PRO B 346 -29.97 -15.85 -17.43
C PRO B 346 -29.91 -14.32 -17.50
N TYR B 347 -31.05 -13.66 -17.35
CA TYR B 347 -31.09 -12.20 -17.41
C TYR B 347 -30.89 -11.56 -16.04
N LEU B 348 -30.53 -12.37 -15.05
CA LEU B 348 -30.41 -11.88 -13.67
C LEU B 348 -29.26 -12.55 -12.92
N ARG B 349 -28.36 -11.73 -12.39
CA ARG B 349 -27.25 -12.24 -11.58
C ARG B 349 -27.05 -11.40 -10.32
N VAL B 350 -26.04 -11.76 -9.54
CA VAL B 350 -25.77 -11.06 -8.28
C VAL B 350 -24.27 -10.80 -8.15
N ILE B 351 -23.91 -9.63 -7.63
CA ILE B 351 -22.51 -9.37 -7.31
C ILE B 351 -22.35 -8.82 -5.89
N GLN B 352 -21.49 -9.47 -5.12
CA GLN B 352 -21.20 -9.06 -3.75
C GLN B 352 -19.81 -8.44 -3.70
N GLY B 353 -19.75 -7.13 -3.45
CA GLY B 353 -18.50 -6.40 -3.46
C GLY B 353 -18.17 -5.68 -2.17
N ASP B 354 -18.83 -6.07 -1.09
CA ASP B 354 -18.59 -5.46 0.22
C ASP B 354 -18.03 -6.48 1.21
N GLY B 355 -16.94 -6.11 1.87
CA GLY B 355 -16.34 -6.95 2.89
C GLY B 355 -15.84 -8.30 2.42
N VAL B 356 -15.36 -8.37 1.18
CA VAL B 356 -14.90 -9.62 0.62
C VAL B 356 -13.37 -9.74 0.63
N ASP B 357 -12.87 -10.71 1.38
CA ASP B 357 -11.47 -11.11 1.30
C ASP B 357 -11.38 -12.63 1.20
N ILE B 358 -10.16 -13.17 1.20
CA ILE B 358 -9.97 -14.61 1.02
C ILE B 358 -10.68 -15.43 2.09
N ASN B 359 -10.80 -14.89 3.29
CA ASN B 359 -11.49 -15.58 4.38
C ASN B 359 -13.00 -15.60 4.19
N THR B 360 -13.59 -14.43 3.96
CA THR B 360 -15.04 -14.33 3.81
C THR B 360 -15.55 -14.95 2.52
N LEU B 361 -14.71 -14.92 1.47
CA LEU B 361 -15.06 -15.53 0.20
C LEU B 361 -15.33 -17.01 0.36
N GLN B 362 -14.54 -17.65 1.22
CA GLN B 362 -14.72 -19.07 1.51
C GLN B 362 -16.04 -19.33 2.22
N GLU B 363 -16.38 -18.46 3.16
CA GLU B 363 -17.59 -18.62 3.96
C GLU B 363 -18.85 -18.42 3.12
N ILE B 364 -18.78 -17.50 2.16
CA ILE B 364 -19.94 -17.18 1.32
C ILE B 364 -20.27 -18.32 0.36
N VAL B 365 -19.29 -18.79 -0.37
CA VAL B 365 -19.52 -19.87 -1.34
C VAL B 365 -19.89 -21.18 -0.66
N GLU B 366 -19.37 -21.40 0.53
CA GLU B 366 -19.70 -22.59 1.30
C GLU B 366 -21.13 -22.49 1.79
N GLY B 367 -21.49 -21.29 2.27
CA GLY B 367 -22.85 -21.03 2.72
C GLY B 367 -23.84 -21.16 1.58
N MET B 368 -23.43 -20.77 0.39
CA MET B 368 -24.26 -20.91 -0.80
C MET B 368 -24.46 -22.38 -1.16
N LYS B 369 -23.38 -23.15 -1.10
CA LYS B 369 -23.45 -24.57 -1.41
C LYS B 369 -24.37 -25.33 -0.45
N GLN B 370 -24.33 -24.96 0.82
CA GLN B 370 -25.20 -25.57 1.83
C GLN B 370 -26.66 -25.24 1.57
N LYS B 371 -26.90 -24.09 0.96
CA LYS B 371 -28.25 -23.64 0.65
C LYS B 371 -28.62 -23.99 -0.78
N MET B 372 -27.84 -24.90 -1.39
CA MET B 372 -28.11 -25.41 -2.72
C MET B 372 -28.11 -24.35 -3.82
N TRP B 373 -27.44 -23.24 -3.57
CA TRP B 373 -27.29 -22.21 -4.59
C TRP B 373 -26.00 -22.41 -5.35
N SER B 374 -26.07 -22.33 -6.68
CA SER B 374 -24.89 -22.50 -7.52
C SER B 374 -24.04 -21.23 -7.52
N ILE B 375 -22.75 -21.39 -7.71
CA ILE B 375 -21.81 -20.27 -7.72
C ILE B 375 -21.93 -19.45 -9.00
N GLU B 376 -22.53 -20.05 -10.04
CA GLU B 376 -22.73 -19.34 -11.30
C GLU B 376 -23.69 -18.16 -11.16
N ASN B 377 -24.48 -18.16 -10.09
CA ASN B 377 -25.38 -17.05 -9.78
C ASN B 377 -24.64 -15.77 -9.41
N ILE B 378 -23.39 -15.92 -8.99
CA ILE B 378 -22.72 -14.82 -8.30
C ILE B 378 -21.29 -14.57 -8.79
N ALA B 379 -20.88 -13.31 -8.73
CA ALA B 379 -19.48 -12.94 -8.86
C ALA B 379 -19.14 -12.09 -7.64
N PHE B 380 -17.87 -11.84 -7.40
CA PHE B 380 -17.47 -11.10 -6.21
C PHE B 380 -16.62 -9.89 -6.54
N GLY B 381 -16.72 -8.87 -5.70
CA GLY B 381 -15.90 -7.69 -5.81
C GLY B 381 -15.10 -7.50 -4.54
N SER B 382 -13.82 -7.18 -4.69
CA SER B 382 -12.95 -6.97 -3.55
C SER B 382 -12.07 -5.76 -3.77
N GLY B 383 -11.96 -4.91 -2.75
CA GLY B 383 -11.17 -3.71 -2.84
C GLY B 383 -9.92 -3.76 -1.98
N GLY B 384 -10.07 -3.43 -0.70
CA GLY B 384 -8.95 -3.42 0.22
C GLY B 384 -8.37 -4.80 0.49
N GLY B 385 -9.25 -5.79 0.55
CA GLY B 385 -8.81 -7.16 0.76
C GLY B 385 -7.96 -7.67 -0.39
N LEU B 386 -8.27 -7.22 -1.61
CA LEU B 386 -7.55 -7.66 -2.79
C LEU B 386 -6.24 -6.91 -2.99
N LEU B 387 -6.26 -5.60 -2.79
CA LEU B 387 -5.09 -4.77 -3.14
C LEU B 387 -4.31 -4.16 -1.97
N GLN B 388 -4.96 -3.93 -0.84
CA GLN B 388 -4.31 -3.18 0.23
C GLN B 388 -4.00 -3.97 1.50
N LYS B 389 -4.92 -4.83 1.92
CA LYS B 389 -4.75 -5.57 3.17
C LYS B 389 -3.73 -6.71 3.04
N LEU B 390 -2.53 -6.36 2.63
CA LEU B 390 -1.45 -7.33 2.46
C LEU B 390 -0.15 -6.70 2.95
N THR B 391 0.73 -7.51 3.53
CA THR B 391 2.02 -7.02 4.01
C THR B 391 3.15 -7.92 3.53
N ARG B 392 4.38 -7.51 3.83
CA ARG B 392 5.57 -8.21 3.36
C ARG B 392 5.82 -9.50 4.12
N ASP B 393 5.28 -9.58 5.33
CA ASP B 393 5.49 -10.77 6.16
C ASP B 393 4.48 -11.87 5.87
N LEU B 394 3.53 -11.58 4.98
CA LEU B 394 2.51 -12.55 4.59
C LEU B 394 3.14 -13.82 4.00
N LEU B 395 4.03 -13.63 3.03
CA LEU B 395 4.75 -14.76 2.44
C LEU B 395 6.21 -14.78 2.88
N ASN B 396 6.53 -13.98 3.90
CA ASN B 396 7.90 -13.81 4.37
C ASN B 396 8.89 -13.50 3.25
N CYS B 397 8.55 -12.52 2.42
CA CYS B 397 9.41 -12.12 1.32
C CYS B 397 10.66 -11.43 1.85
N SER B 398 11.82 -12.01 1.57
CA SER B 398 13.06 -11.55 2.17
C SER B 398 14.25 -11.58 1.21
N PHE B 399 15.15 -10.63 1.40
CA PHE B 399 16.35 -10.46 0.57
C PHE B 399 17.56 -10.55 1.50
N LYS B 400 18.47 -11.48 1.23
CA LYS B 400 19.61 -11.71 2.11
C LYS B 400 20.88 -12.04 1.33
N CYS B 401 22.02 -11.64 1.88
CA CYS B 401 23.31 -12.01 1.32
C CYS B 401 23.65 -13.44 1.73
N SER B 402 24.17 -14.21 0.78
CA SER B 402 24.52 -15.60 1.06
C SER B 402 25.96 -15.94 0.67
N TYR B 403 26.63 -15.03 -0.01
CA TYR B 403 27.95 -15.32 -0.56
C TYR B 403 28.73 -14.05 -0.84
N VAL B 404 29.94 -13.95 -0.30
CA VAL B 404 30.86 -12.85 -0.63
C VAL B 404 32.25 -13.37 -0.95
N VAL B 405 33.00 -12.59 -1.72
CA VAL B 405 34.39 -12.91 -1.99
C VAL B 405 35.29 -11.80 -1.46
N THR B 406 36.09 -12.13 -0.46
CA THR B 406 37.04 -11.19 0.13
C THR B 406 38.44 -11.76 0.05
N ASN B 407 39.40 -10.94 -0.36
CA ASN B 407 40.79 -11.37 -0.55
C ASN B 407 40.92 -12.54 -1.51
N GLY B 408 40.08 -12.57 -2.54
CA GLY B 408 40.12 -13.61 -3.55
C GLY B 408 39.53 -14.93 -3.10
N LEU B 409 38.95 -14.95 -1.90
CA LEU B 409 38.35 -16.16 -1.36
C LEU B 409 36.86 -15.99 -1.07
N GLY B 410 36.05 -16.87 -1.62
CA GLY B 410 34.62 -16.84 -1.40
C GLY B 410 34.24 -17.54 -0.11
N ILE B 411 33.21 -17.01 0.57
CA ILE B 411 32.70 -17.63 1.79
C ILE B 411 31.17 -17.68 1.80
N ASN B 412 30.62 -18.77 2.33
CA ASN B 412 29.18 -18.93 2.43
C ASN B 412 28.66 -18.29 3.71
N VAL B 413 27.98 -17.15 3.57
CA VAL B 413 27.48 -16.41 4.71
C VAL B 413 25.97 -16.55 4.87
N PHE B 414 25.47 -16.24 6.06
CA PHE B 414 24.08 -16.47 6.41
C PHE B 414 23.76 -15.89 7.78
N LYS B 415 22.47 -15.72 8.06
CA LYS B 415 22.05 -15.36 9.41
C LYS B 415 21.31 -16.53 10.03
N ASP B 416 21.32 -16.59 11.36
CA ASP B 416 20.67 -17.67 12.09
C ASP B 416 20.40 -17.25 13.53
N PRO B 417 19.37 -16.40 13.73
CA PRO B 417 19.03 -15.88 15.05
C PRO B 417 18.67 -16.99 16.03
N VAL B 418 19.27 -16.96 17.22
CA VAL B 418 19.09 -18.02 18.21
C VAL B 418 17.64 -18.14 18.68
N ALA B 419 16.91 -17.03 18.62
CA ALA B 419 15.53 -17.00 19.11
C ALA B 419 14.50 -17.18 18.01
N ASP B 420 14.95 -17.36 16.77
CA ASP B 420 14.02 -17.55 15.65
C ASP B 420 14.66 -18.31 14.49
N PRO B 421 14.52 -19.65 14.50
CA PRO B 421 15.00 -20.51 13.42
C PRO B 421 14.34 -20.18 12.07
N ASN B 422 13.17 -19.56 12.11
CA ASN B 422 12.47 -19.20 10.89
C ASN B 422 13.12 -18.05 10.14
N LYS B 423 14.04 -17.36 10.79
CA LYS B 423 14.76 -16.26 10.14
C LYS B 423 16.12 -16.69 9.60
N ARG B 424 16.41 -17.98 9.67
CA ARG B 424 17.66 -18.51 9.14
C ARG B 424 17.72 -18.30 7.63
N SER B 425 18.90 -17.93 7.12
CA SER B 425 19.06 -17.67 5.69
C SER B 425 19.99 -18.67 5.02
N LYS B 426 19.80 -18.86 3.72
CA LYS B 426 20.55 -19.83 2.94
C LYS B 426 22.02 -19.44 2.79
N LYS B 427 22.88 -20.45 2.58
CA LYS B 427 24.31 -20.23 2.49
C LYS B 427 24.84 -20.39 1.06
N GLY B 428 25.79 -19.55 0.69
CA GLY B 428 26.52 -19.71 -0.55
C GLY B 428 25.74 -19.41 -1.80
N ARG B 429 26.36 -19.68 -2.95
CA ARG B 429 25.72 -19.46 -4.24
C ARG B 429 24.55 -20.42 -4.41
N LEU B 430 23.41 -19.88 -4.82
CA LEU B 430 22.18 -20.67 -4.91
C LEU B 430 21.80 -21.01 -6.34
N SER B 431 20.94 -22.02 -6.47
CA SER B 431 20.44 -22.44 -7.77
C SER B 431 19.12 -23.19 -7.62
N LEU B 432 18.26 -23.06 -8.62
CA LEU B 432 16.94 -23.67 -8.57
C LEU B 432 16.86 -24.85 -9.54
N HIS B 433 16.43 -26.00 -9.05
CA HIS B 433 16.42 -27.21 -9.87
C HIS B 433 15.13 -28.00 -9.78
N ARG B 434 14.94 -28.89 -10.75
CA ARG B 434 13.79 -29.77 -10.79
C ARG B 434 14.20 -31.08 -10.12
N THR B 435 13.37 -31.56 -9.19
CA THR B 435 13.63 -32.83 -8.53
C THR B 435 13.21 -33.96 -9.46
N PRO B 436 13.70 -35.18 -9.21
CA PRO B 436 13.30 -36.35 -10.00
C PRO B 436 11.78 -36.54 -10.06
N ALA B 437 11.06 -36.09 -9.04
CA ALA B 437 9.60 -36.22 -9.02
C ALA B 437 8.92 -35.01 -9.64
N GLY B 438 9.71 -34.11 -10.19
CA GLY B 438 9.17 -32.93 -10.88
C GLY B 438 8.85 -31.77 -9.96
N ASN B 439 9.51 -31.73 -8.80
CA ASN B 439 9.32 -30.64 -7.86
C ASN B 439 10.49 -29.67 -7.84
N PHE B 440 10.40 -28.65 -7.01
CA PHE B 440 11.45 -27.64 -6.93
C PHE B 440 12.37 -27.87 -5.74
N VAL B 441 13.65 -27.57 -5.93
CA VAL B 441 14.62 -27.60 -4.85
C VAL B 441 15.65 -26.50 -5.07
N THR B 442 16.01 -25.81 -4.00
CA THR B 442 17.06 -24.81 -4.06
C THR B 442 18.35 -25.40 -3.53
N LEU B 443 19.37 -25.44 -4.38
CA LEU B 443 20.67 -25.97 -3.97
C LEU B 443 21.56 -24.86 -3.43
N GLU B 444 22.14 -25.10 -2.26
CA GLU B 444 23.00 -24.13 -1.61
C GLU B 444 24.46 -24.52 -1.71
N GLU B 445 25.34 -23.61 -1.31
CA GLU B 445 26.78 -23.86 -1.29
C GLU B 445 27.35 -24.25 -2.66
N GLY B 446 26.70 -23.77 -3.72
CA GLY B 446 27.17 -23.99 -5.08
C GLY B 446 27.09 -25.43 -5.54
N LYS B 447 26.33 -26.24 -4.81
CA LYS B 447 26.22 -27.66 -5.12
C LYS B 447 25.51 -27.93 -6.45
N GLY B 448 24.98 -26.87 -7.05
CA GLY B 448 24.37 -26.99 -8.37
C GLY B 448 25.41 -27.25 -9.44
N ASP B 449 26.66 -26.91 -9.14
CA ASP B 449 27.75 -27.14 -10.09
C ASP B 449 28.11 -28.63 -10.16
N LEU B 450 27.62 -29.40 -9.19
CA LEU B 450 27.88 -30.83 -9.13
C LEU B 450 27.09 -31.61 -10.18
N GLU B 451 26.18 -30.91 -10.87
CA GLU B 451 25.43 -31.46 -11.99
C GLU B 451 24.54 -32.66 -11.65
N GLU B 452 24.23 -32.82 -10.36
CA GLU B 452 23.41 -33.96 -9.92
C GLU B 452 21.91 -33.67 -10.07
N TYR B 453 21.57 -32.43 -10.35
CA TYR B 453 20.18 -32.00 -10.36
C TYR B 453 19.77 -31.32 -11.66
N GLY B 454 20.45 -31.66 -12.75
CA GLY B 454 20.17 -31.05 -14.04
C GLY B 454 20.54 -29.58 -14.09
N GLN B 455 19.91 -28.85 -15.02
CA GLN B 455 20.24 -27.46 -15.25
C GLN B 455 19.55 -26.50 -14.28
N ASP B 456 20.17 -25.34 -14.09
CA ASP B 456 19.63 -24.31 -13.21
C ASP B 456 18.41 -23.68 -13.87
N LEU B 457 17.32 -23.53 -13.11
CA LEU B 457 16.05 -23.04 -13.63
C LEU B 457 15.95 -21.52 -13.69
N LEU B 458 16.87 -20.81 -13.04
CA LEU B 458 16.87 -19.35 -13.06
C LEU B 458 17.51 -18.85 -14.35
N HIS B 459 17.01 -17.72 -14.86
CA HIS B 459 17.56 -17.11 -16.07
C HIS B 459 18.10 -15.71 -15.78
N THR B 460 19.21 -15.35 -16.41
CA THR B 460 19.71 -13.99 -16.34
C THR B 460 18.72 -13.04 -16.99
N VAL B 461 18.06 -12.22 -16.18
CA VAL B 461 17.06 -11.28 -16.66
C VAL B 461 17.62 -9.87 -16.78
N PHE B 462 18.75 -9.62 -16.13
CA PHE B 462 19.35 -8.30 -16.09
C PHE B 462 20.86 -8.41 -15.98
N LYS B 463 21.57 -7.63 -16.79
CA LYS B 463 23.03 -7.63 -16.75
C LYS B 463 23.61 -6.35 -17.30
N ASN B 464 24.37 -5.65 -16.45
CA ASN B 464 25.09 -4.45 -16.85
C ASN B 464 24.24 -3.35 -17.49
N GLY B 465 23.03 -3.16 -16.95
CA GLY B 465 22.16 -2.09 -17.38
C GLY B 465 21.18 -2.47 -18.48
N LYS B 466 21.10 -3.76 -18.79
CA LYS B 466 20.22 -4.22 -19.87
C LYS B 466 19.32 -5.36 -19.43
N VAL B 467 18.05 -5.27 -19.78
CA VAL B 467 17.12 -6.37 -19.60
C VAL B 467 17.46 -7.43 -20.65
N THR B 468 17.80 -8.62 -20.19
CA THR B 468 18.34 -9.65 -21.07
C THR B 468 17.34 -10.77 -21.33
N LYS B 469 16.23 -10.74 -20.60
CA LYS B 469 15.18 -11.75 -20.76
C LYS B 469 13.90 -11.22 -20.15
N SER B 470 12.82 -11.25 -20.93
CA SER B 470 11.54 -10.72 -20.48
C SER B 470 10.39 -11.64 -20.88
N TYR B 471 9.21 -11.37 -20.33
CA TYR B 471 8.04 -12.20 -20.61
C TYR B 471 6.81 -11.36 -20.91
N SER B 472 5.96 -11.86 -21.80
CA SER B 472 4.70 -11.20 -22.09
C SER B 472 3.69 -11.54 -21.01
N PHE B 473 2.65 -10.73 -20.88
CA PHE B 473 1.62 -10.97 -19.87
C PHE B 473 0.85 -12.24 -20.19
N ASP B 474 0.89 -12.64 -21.46
CA ASP B 474 0.26 -13.87 -21.90
C ASP B 474 1.03 -15.07 -21.37
N GLU B 475 2.35 -15.03 -21.48
CA GLU B 475 3.20 -16.10 -20.96
C GLU B 475 3.02 -16.25 -19.45
N ILE B 476 3.00 -15.11 -18.76
CA ILE B 476 2.83 -15.08 -17.31
C ILE B 476 1.51 -15.72 -16.89
N ARG B 477 0.43 -15.36 -17.59
CA ARG B 477 -0.89 -15.94 -17.31
C ARG B 477 -0.87 -17.44 -17.49
N LYS B 478 -0.28 -17.89 -18.59
CA LYS B 478 -0.17 -19.32 -18.88
C LYS B 478 0.59 -20.02 -17.76
N ASN B 479 1.65 -19.39 -17.29
CA ASN B 479 2.46 -19.95 -16.22
C ASN B 479 1.73 -20.03 -14.88
N ALA B 480 0.80 -19.11 -14.66
CA ALA B 480 0.13 -19.00 -13.36
C ALA B 480 -1.19 -19.76 -13.27
N GLN B 481 -1.55 -20.48 -14.33
CA GLN B 481 -2.79 -21.24 -14.37
C GLN B 481 -2.93 -22.26 -13.23
N LEU B 482 -4.18 -22.55 -12.87
CA LEU B 482 -4.47 -23.51 -11.81
C LEU B 482 -4.44 -24.93 -12.34
N ASN B 483 -3.97 -25.86 -11.51
CA ASN B 483 -3.95 -27.27 -11.86
C ASN B 483 -5.33 -27.78 -12.28
N ILE B 484 -6.38 -27.24 -11.69
CA ILE B 484 -7.75 -27.58 -12.09
C ILE B 484 -8.03 -27.12 -13.52
N GLU B 485 -7.45 -25.98 -13.90
CA GLU B 485 -7.60 -25.45 -15.25
C GLU B 485 -6.74 -26.22 -16.23
N LEU B 486 -5.59 -26.69 -15.77
CA LEU B 486 -4.73 -27.55 -16.58
C LEU B 486 -5.49 -28.84 -16.95
N GLU B 487 -6.26 -29.35 -16.00
CA GLU B 487 -7.17 -30.45 -16.26
C GLU B 487 -8.29 -29.93 -17.17
N ALA B 488 -8.24 -30.32 -18.45
CA ALA B 488 -9.15 -29.81 -19.47
C ALA B 488 -9.06 -28.30 -19.61
#